data_7YKE
#
_entry.id   7YKE
#
_cell.length_a   49.069
_cell.length_b   94.497
_cell.length_c   229.356
_cell.angle_alpha   90.000
_cell.angle_beta   90.000
_cell.angle_gamma   90.000
#
_symmetry.space_group_name_H-M   'P 21 21 21'
#
loop_
_entity.id
_entity.type
_entity.pdbx_description
1 polymer 'Chondroitin sulfate ABC endolyase'
2 branched '4-deoxy-alpha-L-threo-hex-4-enopyranuronic acid-(1-3)-2-acetamido-2-deoxy-4,6-di-O-sulfo-beta-D-galactopyranose'
3 non-polymer 'MAGNESIUM ION'
4 water water
#
_entity_poly.entity_id   1
_entity_poly.type   'polypeptide(L)'
_entity_poly.pdbx_seq_one_letter_code
;MPIFRFTALAMTLGLLSAPYNAMAATSNPAFDPKNLMQSEIYHFAQNNPLADFSSDKNSILTLSDKRSIMGNQSLLWKWK
GGSSFTLHKKLIVPTDKEASKAWGRSSTPVFSFWLYNEKPIDGYLTIDFGEKLISTSEAQAGFKVKLDFTGWRAVGVSLN
NDLENREMTLNATNTSSDGTQDSIGRSLGAKVDSIRFKAPSNVSQGEIYIDRIMFSVDDARYQWSDYQVKTRLSEPEIQF
HNVKPQLPVTPENLAAIDLIRQRLINEFVGGEKETNLALEENISKLKSDFDALNIHTLANGGTQGRHLITDKQIIIYQPE
NLNSQDKQLFDNYVILGNYTTLMFNISRAYVLEKDPTQKAQLKQMYLLMTKHLLDQGFVKGSALVTTHHWGYSSRWWYIS
TLLMSDALKEANLQTQVYDSLLWYSREFKSSFDMKVSADSSDLDYFNTLSRQHLALLLLEPDDQKRINLVNTFSHYITGA
LTQVPPGGKDGLRPDGTAWRHEGNYPGYSFPAFKNASQLIYLLRDTPFSVGESGWNNLKKAMVSAWIYSNPEVGLPLAGR
HPFNSPSLKSVAQGYYWLAMSAKSSPDKTLASIYLAISDKTQNESTAIFGETITPASLPQGFYAFNGGAFGIHRWQDKMV
TLKAYNTNVWSSEIYNKDNRYGRYQSHGVAQIVSNGSQLSQGYQQEGWDWNRMQGATTIHLPLKDLDSPKPHTLMQRGER
GFSGTSSLEGQYGMMAFDLIYPANLERFDPNFTAKKSVLAADNHLIFIGSNINSSDKNKNVETTLFQHAITPTLNTLWIN
GQKIENMPYQTTLQQGDWLIDSNGNGYLITQAEKVNVSRQHQVSAENKNRQPTEGNFSSAWIDHSTRPKDASYEYMVFLD
ATPEKMGEMAQKFRENNGLYQVLRKDKDVHIILDKLSNVTGYAFYQPASIEDKWIKKVNKPAIVMTHRQKDTLIVSAVTP
DLNMTRQKAATPVTINVTINGKWQSADKNSEVKYQVSGDNTELTFTSYFGIPQEIKLSPLP
;
_entity_poly.pdbx_strand_id   A
#
loop_
_chem_comp.id
_chem_comp.type
_chem_comp.name
_chem_comp.formula
8EX D-saccharide, beta linking 2-acetamido-2-deoxy-4,6-di-O-sulfo-beta-D-galactopyranose 'C8 H15 N O12 S2'
GCD L-saccharide, alpha linking '4-deoxy-alpha-L-threo-hex-4-enopyranuronic acid' 'C6 H8 O6'
MG non-polymer 'MAGNESIUM ION' 'Mg 2'
#
# COMPACT_ATOMS: atom_id res chain seq x y z
N ALA A 25 -31.83 -20.01 -18.42
CA ALA A 25 -32.66 -19.11 -19.30
C ALA A 25 -34.15 -19.31 -18.97
N THR A 26 -34.90 -18.20 -18.98
CA THR A 26 -36.34 -18.09 -18.57
C THR A 26 -37.17 -17.67 -19.78
N SER A 27 -38.52 -17.67 -19.66
CA SER A 27 -39.48 -17.16 -20.68
C SER A 27 -39.46 -15.62 -20.71
N ASN A 28 -38.97 -14.97 -19.66
CA ASN A 28 -38.89 -13.49 -19.60
C ASN A 28 -37.97 -12.93 -20.68
N PRO A 29 -38.14 -11.65 -21.02
CA PRO A 29 -37.17 -10.96 -21.84
C PRO A 29 -35.87 -10.69 -21.08
N ALA A 30 -34.78 -10.54 -21.83
CA ALA A 30 -33.52 -9.93 -21.37
C ALA A 30 -33.80 -8.53 -20.81
N PHE A 31 -33.15 -8.19 -19.69
CA PHE A 31 -33.17 -6.84 -19.09
C PHE A 31 -34.61 -6.49 -18.74
N ASP A 32 -35.36 -7.51 -18.36
CA ASP A 32 -36.78 -7.35 -18.01
C ASP A 32 -36.86 -6.18 -17.03
N PRO A 33 -37.45 -4.98 -17.40
CA PRO A 33 -37.37 -3.79 -16.55
C PRO A 33 -37.81 -4.21 -15.14
N LYS A 34 -38.77 -5.14 -15.05
CA LYS A 34 -39.18 -5.92 -13.85
C LYS A 34 -38.00 -6.41 -13.05
N ASN A 35 -36.97 -6.96 -13.68
CA ASN A 35 -35.82 -7.54 -12.94
C ASN A 35 -34.51 -7.39 -13.73
N LEU A 36 -34.10 -6.14 -13.92
CA LEU A 36 -33.06 -5.68 -14.87
C LEU A 36 -31.75 -6.44 -14.65
N MET A 37 -31.37 -6.76 -13.42
CA MET A 37 -29.99 -7.21 -13.07
C MET A 37 -29.85 -8.73 -13.26
N GLN A 38 -30.97 -9.40 -13.56
CA GLN A 38 -30.99 -10.87 -13.73
C GLN A 38 -30.52 -11.17 -15.15
N SER A 39 -29.36 -11.80 -15.24
CA SER A 39 -28.80 -12.22 -16.55
C SER A 39 -29.68 -13.34 -17.10
N GLU A 40 -29.91 -13.24 -18.38
CA GLU A 40 -30.50 -14.30 -19.25
C GLU A 40 -29.33 -15.03 -19.94
N ILE A 41 -29.17 -16.31 -19.62
CA ILE A 41 -28.04 -17.18 -20.09
C ILE A 41 -28.58 -18.41 -20.81
N TYR A 42 -28.13 -18.62 -22.06
CA TYR A 42 -28.26 -19.86 -22.87
C TYR A 42 -27.03 -20.76 -22.64
N HIS A 43 -27.15 -21.68 -21.67
CA HIS A 43 -26.13 -22.69 -21.27
C HIS A 43 -26.56 -24.14 -21.63
N PHE A 44 -27.87 -24.37 -21.81
CA PHE A 44 -28.49 -25.65 -22.26
C PHE A 44 -28.54 -26.69 -21.15
N ALA A 45 -28.19 -26.40 -19.90
CA ALA A 45 -28.51 -27.26 -18.73
C ALA A 45 -29.94 -26.95 -18.21
N GLN A 46 -30.95 -27.22 -19.05
CA GLN A 46 -32.40 -27.09 -18.69
C GLN A 46 -33.24 -27.95 -19.64
N ASN A 47 -34.53 -28.16 -19.31
CA ASN A 47 -35.54 -28.85 -20.17
C ASN A 47 -35.68 -28.05 -21.48
N ASN A 48 -36.07 -28.72 -22.56
CA ASN A 48 -36.08 -28.25 -23.97
C ASN A 48 -35.11 -27.10 -24.08
N PRO A 49 -33.82 -27.41 -24.33
CA PRO A 49 -32.74 -26.43 -24.27
C PRO A 49 -32.65 -25.60 -25.55
N LEU A 50 -33.00 -26.16 -26.74
CA LEU A 50 -32.98 -25.37 -28.00
C LEU A 50 -34.37 -24.77 -28.29
N ALA A 51 -35.30 -24.72 -27.31
CA ALA A 51 -36.69 -24.24 -27.55
C ALA A 51 -36.68 -22.90 -28.32
N ASP A 52 -35.79 -21.94 -27.95
CA ASP A 52 -35.80 -20.53 -28.43
C ASP A 52 -35.00 -20.38 -29.73
N PHE A 53 -34.44 -21.44 -30.30
CA PHE A 53 -33.55 -21.30 -31.49
C PHE A 53 -34.21 -21.90 -32.73
N SER A 54 -33.95 -21.28 -33.89
CA SER A 54 -34.35 -21.68 -35.25
C SER A 54 -33.10 -21.63 -36.12
N SER A 55 -33.03 -22.38 -37.21
CA SER A 55 -31.88 -22.36 -38.18
C SER A 55 -32.44 -22.34 -39.59
N ASP A 56 -31.71 -21.72 -40.53
CA ASP A 56 -32.02 -21.86 -41.99
C ASP A 56 -31.56 -23.26 -42.48
N LYS A 57 -31.78 -23.56 -43.76
CA LYS A 57 -31.58 -24.91 -44.37
C LYS A 57 -30.09 -25.31 -44.37
N ASN A 58 -29.18 -24.32 -44.40
CA ASN A 58 -27.71 -24.50 -44.58
C ASN A 58 -26.99 -24.49 -43.22
N SER A 59 -27.74 -24.60 -42.12
CA SER A 59 -27.18 -24.68 -40.75
C SER A 59 -27.83 -25.83 -40.01
N ILE A 60 -27.08 -26.41 -39.09
CA ILE A 60 -27.53 -27.56 -38.26
C ILE A 60 -27.12 -27.26 -36.81
N LEU A 61 -28.04 -27.36 -35.88
CA LEU A 61 -27.77 -27.13 -34.45
C LEU A 61 -27.86 -28.45 -33.69
N THR A 62 -26.80 -28.82 -32.99
CA THR A 62 -26.79 -29.99 -32.06
C THR A 62 -26.29 -29.54 -30.71
N LEU A 63 -26.69 -30.16 -29.60
CA LEU A 63 -25.85 -30.12 -28.37
C LEU A 63 -24.66 -31.08 -28.59
N SER A 64 -23.50 -30.78 -27.98
CA SER A 64 -22.30 -31.65 -27.81
C SER A 64 -21.94 -31.66 -26.32
N ASP A 65 -21.58 -32.82 -25.78
CA ASP A 65 -21.00 -32.87 -24.41
C ASP A 65 -19.47 -32.96 -24.53
N LYS A 66 -18.90 -32.71 -25.71
CA LYS A 66 -17.45 -32.80 -25.94
C LYS A 66 -16.71 -31.72 -25.15
N ARG A 67 -17.25 -30.50 -25.18
CA ARG A 67 -16.72 -29.36 -24.41
C ARG A 67 -17.89 -28.44 -24.09
N SER A 68 -17.71 -27.64 -23.06
CA SER A 68 -18.77 -26.73 -22.58
C SER A 68 -18.09 -25.66 -21.72
N ILE A 69 -18.78 -24.53 -21.51
CA ILE A 69 -18.31 -23.44 -20.60
C ILE A 69 -19.14 -23.49 -19.33
N MET A 70 -20.46 -23.45 -19.47
CA MET A 70 -21.37 -23.51 -18.30
C MET A 70 -22.30 -24.71 -18.46
N GLY A 71 -22.37 -25.57 -17.46
CA GLY A 71 -23.06 -26.86 -17.63
C GLY A 71 -22.30 -27.78 -18.58
N ASN A 72 -22.75 -29.02 -18.74
CA ASN A 72 -21.88 -30.06 -19.38
C ASN A 72 -22.10 -30.16 -20.88
N GLN A 73 -22.79 -29.20 -21.53
CA GLN A 73 -22.97 -29.23 -23.02
C GLN A 73 -22.87 -27.86 -23.68
N SER A 74 -22.55 -27.85 -24.95
CA SER A 74 -22.40 -26.62 -25.77
C SER A 74 -23.10 -26.84 -27.10
N LEU A 75 -23.31 -25.76 -27.84
CA LEU A 75 -24.08 -25.76 -29.09
C LEU A 75 -23.11 -26.02 -30.20
N LEU A 76 -23.18 -27.19 -30.84
CA LEU A 76 -22.44 -27.46 -32.11
C LEU A 76 -23.23 -26.93 -33.31
N TRP A 77 -22.69 -25.92 -33.99
CA TRP A 77 -23.32 -25.24 -35.16
C TRP A 77 -22.55 -25.65 -36.40
N LYS A 78 -23.00 -26.67 -37.15
CA LYS A 78 -22.42 -26.99 -38.50
C LYS A 78 -23.10 -26.14 -39.57
N TRP A 79 -22.34 -25.53 -40.46
CA TRP A 79 -22.90 -24.51 -41.40
C TRP A 79 -22.15 -24.50 -42.73
N LYS A 80 -22.81 -24.06 -43.78
CA LYS A 80 -22.20 -23.68 -45.09
C LYS A 80 -22.11 -22.16 -45.05
N GLY A 81 -21.23 -21.55 -45.84
CA GLY A 81 -20.92 -20.11 -45.71
C GLY A 81 -22.14 -19.26 -45.95
N GLY A 82 -22.36 -18.18 -45.20
CA GLY A 82 -23.52 -17.27 -45.40
C GLY A 82 -24.78 -17.73 -44.65
N SER A 83 -24.87 -19.00 -44.29
CA SER A 83 -25.96 -19.57 -43.46
C SER A 83 -26.04 -18.87 -42.09
N SER A 84 -27.26 -18.76 -41.54
CA SER A 84 -27.62 -18.14 -40.23
C SER A 84 -28.31 -19.16 -39.31
N PHE A 85 -28.21 -18.96 -38.00
CA PHE A 85 -29.23 -19.43 -37.04
C PHE A 85 -29.72 -18.21 -36.28
N THR A 86 -30.87 -18.33 -35.61
CA THR A 86 -31.53 -17.23 -34.88
C THR A 86 -31.90 -17.68 -33.46
N LEU A 87 -31.46 -16.86 -32.50
CA LEU A 87 -31.98 -16.89 -31.13
C LEU A 87 -33.15 -15.90 -31.13
N HIS A 88 -34.30 -16.36 -30.64
CA HIS A 88 -35.55 -15.58 -30.48
C HIS A 88 -35.67 -15.23 -29.01
N LYS A 89 -35.30 -14.00 -28.66
CA LYS A 89 -35.37 -13.55 -27.26
C LYS A 89 -35.70 -12.07 -27.32
N LYS A 90 -36.80 -11.66 -26.66
CA LYS A 90 -37.19 -10.24 -26.53
C LYS A 90 -36.13 -9.53 -25.67
N LEU A 91 -35.60 -8.41 -26.18
CA LEU A 91 -34.61 -7.58 -25.44
C LEU A 91 -35.21 -6.20 -25.24
N ILE A 92 -35.35 -5.85 -23.97
CA ILE A 92 -35.75 -4.50 -23.51
C ILE A 92 -34.46 -3.78 -23.12
N VAL A 93 -33.77 -3.26 -24.12
CA VAL A 93 -32.37 -2.82 -23.89
C VAL A 93 -32.42 -1.52 -23.10
N PRO A 94 -31.84 -1.47 -21.88
CA PRO A 94 -31.83 -0.25 -21.09
C PRO A 94 -30.84 0.75 -21.71
N THR A 95 -31.03 2.05 -21.45
CA THR A 95 -29.97 3.08 -21.63
C THR A 95 -28.82 2.81 -20.64
N ASP A 96 -27.64 3.37 -20.89
CA ASP A 96 -26.49 3.32 -19.93
C ASP A 96 -26.93 3.88 -18.57
N LYS A 97 -27.68 4.99 -18.57
CA LYS A 97 -28.22 5.67 -17.35
C LYS A 97 -29.11 4.69 -16.57
N GLU A 98 -30.06 4.00 -17.21
CA GLU A 98 -30.98 3.06 -16.50
C GLU A 98 -30.22 1.87 -15.92
N ALA A 99 -29.32 1.27 -16.72
CA ALA A 99 -28.43 0.18 -16.24
C ALA A 99 -27.64 0.68 -15.00
N SER A 100 -27.04 1.86 -15.12
CA SER A 100 -26.22 2.49 -14.05
C SER A 100 -27.07 2.70 -12.77
N LYS A 101 -28.28 3.25 -12.89
CA LYS A 101 -29.23 3.44 -11.75
C LYS A 101 -29.53 2.09 -11.10
N ALA A 102 -29.72 1.04 -11.88
CA ALA A 102 -30.11 -0.30 -11.39
C ALA A 102 -28.99 -0.90 -10.54
N TRP A 103 -27.73 -0.59 -10.85
CA TRP A 103 -26.56 -1.24 -10.22
C TRP A 103 -25.86 -0.34 -9.21
N GLY A 104 -25.73 0.95 -9.49
CA GLY A 104 -25.13 1.90 -8.55
C GLY A 104 -23.77 2.36 -9.04
N ARG A 105 -23.44 2.13 -10.31
CA ARG A 105 -22.18 2.63 -10.90
C ARG A 105 -22.33 2.61 -12.42
N SER A 106 -21.44 3.32 -13.11
CA SER A 106 -21.46 3.46 -14.58
C SER A 106 -21.49 2.06 -15.23
N SER A 107 -22.60 1.72 -15.92
CA SER A 107 -22.95 0.35 -16.39
C SER A 107 -23.43 0.42 -17.83
N THR A 108 -23.43 -0.71 -18.56
CA THR A 108 -23.99 -0.78 -19.92
C THR A 108 -24.58 -2.18 -20.06
N PRO A 109 -25.68 -2.38 -20.80
CA PRO A 109 -26.15 -3.74 -21.11
C PRO A 109 -25.16 -4.39 -22.10
N VAL A 110 -24.80 -5.63 -21.82
CA VAL A 110 -23.77 -6.33 -22.59
C VAL A 110 -24.36 -7.62 -23.14
N PHE A 111 -23.98 -7.90 -24.38
CA PHE A 111 -24.17 -9.20 -25.05
C PHE A 111 -22.83 -9.93 -25.07
N SER A 112 -22.80 -11.16 -24.57
CA SER A 112 -21.56 -11.96 -24.54
C SER A 112 -21.82 -13.44 -24.82
N PHE A 113 -20.79 -14.14 -25.28
CA PHE A 113 -20.87 -15.59 -25.53
C PHE A 113 -19.42 -16.08 -25.68
N TRP A 114 -19.29 -17.38 -25.59
CA TRP A 114 -18.03 -18.12 -25.80
C TRP A 114 -18.16 -18.90 -27.08
N LEU A 115 -17.10 -18.95 -27.89
CA LEU A 115 -17.08 -19.83 -29.09
C LEU A 115 -15.73 -20.57 -29.12
N TYR A 116 -15.75 -21.82 -29.59
CA TYR A 116 -14.55 -22.67 -29.82
C TYR A 116 -14.40 -23.01 -31.29
N ASN A 117 -13.23 -22.76 -31.88
CA ASN A 117 -12.83 -23.25 -33.22
C ASN A 117 -11.83 -24.38 -33.02
N GLU A 118 -12.12 -25.55 -33.59
CA GLU A 118 -11.16 -26.69 -33.70
C GLU A 118 -10.16 -26.38 -34.81
N LYS A 119 -10.49 -25.46 -35.73
CA LYS A 119 -9.53 -25.05 -36.77
C LYS A 119 -9.81 -23.62 -37.18
N PRO A 120 -8.78 -22.86 -37.57
CA PRO A 120 -8.95 -21.44 -37.85
C PRO A 120 -9.81 -21.19 -39.10
N ILE A 121 -10.53 -20.06 -39.15
CA ILE A 121 -11.43 -19.68 -40.29
C ILE A 121 -11.04 -18.27 -40.76
N ASP A 122 -10.83 -18.06 -42.06
CA ASP A 122 -10.28 -16.78 -42.62
C ASP A 122 -11.48 -15.96 -43.08
N GLY A 123 -12.08 -15.22 -42.15
CA GLY A 123 -13.31 -14.43 -42.30
C GLY A 123 -13.96 -14.21 -40.93
N TYR A 124 -15.15 -13.61 -40.95
CA TYR A 124 -15.87 -12.91 -39.85
C TYR A 124 -17.24 -13.55 -39.58
N LEU A 125 -17.62 -13.81 -38.31
CA LEU A 125 -18.98 -14.18 -37.81
C LEU A 125 -19.71 -12.87 -37.60
N THR A 126 -20.95 -12.74 -38.11
CA THR A 126 -21.79 -11.50 -37.99
C THR A 126 -22.98 -11.79 -37.08
N ILE A 127 -23.09 -10.93 -36.07
CA ILE A 127 -24.16 -10.97 -35.04
C ILE A 127 -24.97 -9.69 -35.24
N ASP A 128 -26.25 -9.89 -35.53
CA ASP A 128 -27.24 -8.86 -35.91
C ASP A 128 -28.39 -8.88 -34.91
N PHE A 129 -28.83 -7.69 -34.52
CA PHE A 129 -29.98 -7.51 -33.61
C PHE A 129 -31.12 -6.87 -34.39
N GLY A 130 -32.32 -7.42 -34.27
CA GLY A 130 -33.52 -6.69 -34.74
C GLY A 130 -34.82 -7.43 -34.41
N GLU A 131 -35.88 -6.95 -35.03
CA GLU A 131 -37.24 -7.50 -34.79
C GLU A 131 -37.53 -8.44 -35.99
N LYS A 132 -38.02 -9.65 -35.61
CA LYS A 132 -38.65 -10.68 -36.49
C LYS A 132 -37.74 -10.85 -37.71
N LEU A 133 -36.44 -11.01 -37.46
CA LEU A 133 -35.40 -11.20 -38.49
C LEU A 133 -35.49 -12.62 -39.06
N ILE A 134 -34.95 -12.79 -40.26
CA ILE A 134 -34.78 -14.07 -41.00
C ILE A 134 -33.51 -13.90 -41.82
N SER A 135 -32.99 -14.99 -42.43
CA SER A 135 -31.74 -15.01 -43.22
C SER A 135 -31.59 -13.72 -44.05
N THR A 136 -32.70 -13.17 -44.54
CA THR A 136 -32.76 -12.19 -45.66
C THR A 136 -33.02 -10.76 -45.16
N SER A 137 -33.36 -10.56 -43.88
CA SER A 137 -33.74 -9.23 -43.33
C SER A 137 -32.49 -8.37 -43.10
N GLN A 140 -30.95 -3.95 -38.65
CA GLN A 140 -31.02 -2.88 -37.59
C GLN A 140 -29.62 -2.44 -37.06
N ALA A 141 -28.92 -3.24 -36.25
CA ALA A 141 -27.53 -2.99 -35.82
C ALA A 141 -26.83 -4.31 -35.52
N GLY A 142 -25.50 -4.31 -35.53
CA GLY A 142 -24.75 -5.55 -35.29
C GLY A 142 -23.23 -5.35 -35.20
N PHE A 143 -22.50 -6.45 -35.09
CA PHE A 143 -21.02 -6.42 -34.90
C PHE A 143 -20.42 -7.69 -35.54
N LYS A 144 -19.10 -7.74 -35.64
CA LYS A 144 -18.35 -8.84 -36.30
C LYS A 144 -17.33 -9.44 -35.32
N VAL A 145 -17.06 -10.74 -35.45
CA VAL A 145 -16.03 -11.48 -34.71
C VAL A 145 -15.12 -12.23 -35.69
N LYS A 146 -13.85 -11.81 -35.79
CA LYS A 146 -12.82 -12.51 -36.61
C LYS A 146 -12.63 -13.94 -36.10
N LEU A 147 -12.56 -14.92 -37.01
CA LEU A 147 -12.61 -16.34 -36.59
C LEU A 147 -11.25 -17.03 -36.79
N ASP A 148 -10.21 -16.26 -37.03
CA ASP A 148 -8.83 -16.75 -37.27
C ASP A 148 -8.22 -17.10 -35.91
N PHE A 149 -8.57 -18.24 -35.34
CA PHE A 149 -7.99 -18.73 -34.07
C PHE A 149 -8.45 -20.15 -33.79
N THR A 150 -7.87 -20.81 -32.80
CA THR A 150 -8.38 -22.06 -32.23
C THR A 150 -8.40 -21.92 -30.71
N GLY A 151 -9.18 -22.77 -30.07
CA GLY A 151 -9.44 -22.72 -28.64
C GLY A 151 -10.68 -21.88 -28.39
N TRP A 152 -11.07 -21.78 -27.12
CA TRP A 152 -12.17 -20.92 -26.64
C TRP A 152 -11.75 -19.46 -26.78
N ARG A 153 -12.69 -18.62 -27.22
CA ARG A 153 -12.60 -17.14 -27.09
C ARG A 153 -13.91 -16.64 -26.49
N ALA A 154 -13.84 -15.56 -25.71
CA ALA A 154 -15.03 -14.81 -25.24
C ALA A 154 -15.21 -13.52 -26.06
N VAL A 155 -16.47 -13.15 -26.28
CA VAL A 155 -16.91 -11.97 -27.03
C VAL A 155 -17.86 -11.25 -26.07
N GLY A 156 -17.70 -9.95 -25.91
CA GLY A 156 -18.59 -9.14 -25.06
C GLY A 156 -18.60 -7.74 -25.59
N VAL A 157 -19.80 -7.21 -25.87
CA VAL A 157 -20.01 -5.88 -26.50
C VAL A 157 -21.13 -5.17 -25.74
N SER A 158 -21.02 -3.86 -25.63
CA SER A 158 -22.10 -2.97 -25.13
C SER A 158 -23.15 -2.90 -26.23
N LEU A 159 -24.38 -3.24 -25.90
CA LEU A 159 -25.49 -3.07 -26.88
C LEU A 159 -25.75 -1.59 -27.18
N ASN A 160 -25.32 -0.65 -26.33
CA ASN A 160 -25.59 0.81 -26.50
C ASN A 160 -24.42 1.48 -27.23
N ASN A 161 -23.20 0.93 -27.19
CA ASN A 161 -21.96 1.68 -27.55
C ASN A 161 -21.09 0.95 -28.59
N ASP A 162 -21.25 -0.36 -28.78
CA ASP A 162 -20.32 -1.18 -29.58
C ASP A 162 -21.00 -1.74 -30.85
N LEU A 163 -22.24 -1.40 -31.21
CA LEU A 163 -22.87 -1.95 -32.46
C LEU A 163 -22.66 -0.98 -33.63
N GLU A 164 -22.41 -1.44 -34.87
CA GLU A 164 -22.18 -0.53 -36.04
C GLU A 164 -23.55 -0.08 -36.60
N LEU A 188 -30.51 0.83 -30.99
CA LEU A 188 -31.33 -0.39 -30.70
C LEU A 188 -32.74 0.01 -30.18
N GLY A 189 -33.74 0.14 -31.07
CA GLY A 189 -35.16 0.31 -30.70
C GLY A 189 -35.68 -0.84 -29.82
N ALA A 190 -36.60 -0.54 -28.91
CA ALA A 190 -37.07 -1.43 -27.83
C ALA A 190 -37.63 -2.78 -28.35
N LYS A 191 -37.97 -2.91 -29.64
CA LYS A 191 -38.73 -4.08 -30.17
C LYS A 191 -37.80 -5.22 -30.64
N VAL A 192 -36.51 -5.24 -30.24
CA VAL A 192 -35.53 -6.29 -30.66
C VAL A 192 -36.01 -7.62 -30.06
N ASP A 193 -36.10 -8.64 -30.92
CA ASP A 193 -36.49 -10.03 -30.50
C ASP A 193 -35.64 -11.07 -31.24
N SER A 194 -34.72 -10.63 -32.10
CA SER A 194 -33.94 -11.49 -33.01
C SER A 194 -32.43 -11.24 -32.88
N ILE A 195 -31.66 -12.30 -32.62
CA ILE A 195 -30.17 -12.23 -32.58
C ILE A 195 -29.66 -13.26 -33.56
N ARG A 196 -29.19 -12.76 -34.69
CA ARG A 196 -28.85 -13.58 -35.87
C ARG A 196 -27.33 -13.72 -35.98
N PHE A 197 -26.88 -14.97 -35.87
CA PHE A 197 -25.47 -15.41 -36.06
C PHE A 197 -25.30 -15.94 -37.49
N LYS A 198 -24.66 -15.15 -38.37
CA LYS A 198 -24.39 -15.48 -39.78
C LYS A 198 -22.93 -15.93 -39.94
N ALA A 199 -22.68 -17.18 -40.37
CA ALA A 199 -21.33 -17.65 -40.80
C ALA A 199 -20.77 -16.76 -41.91
N PRO A 200 -19.42 -16.65 -42.08
CA PRO A 200 -18.83 -15.76 -43.09
C PRO A 200 -19.21 -16.20 -44.50
N SER A 201 -19.40 -15.22 -45.41
CA SER A 201 -19.79 -15.42 -46.83
C SER A 201 -18.64 -16.11 -47.53
N ASN A 202 -17.53 -15.37 -47.62
CA ASN A 202 -16.37 -15.61 -48.52
C ASN A 202 -15.60 -16.85 -48.05
N VAL A 203 -16.28 -17.83 -47.44
CA VAL A 203 -15.66 -19.09 -46.89
C VAL A 203 -16.65 -20.24 -47.07
N SER A 204 -16.25 -21.32 -47.74
CA SER A 204 -17.18 -22.24 -48.44
C SER A 204 -18.02 -23.02 -47.42
N GLN A 205 -17.41 -23.57 -46.36
CA GLN A 205 -18.15 -24.25 -45.27
C GLN A 205 -17.33 -24.18 -43.97
N GLY A 206 -17.81 -24.79 -42.87
CA GLY A 206 -17.22 -24.60 -41.51
C GLY A 206 -18.12 -25.02 -40.35
N GLU A 207 -17.57 -24.98 -39.13
CA GLU A 207 -18.14 -25.56 -37.88
C GLU A 207 -17.69 -24.74 -36.63
N ILE A 208 -18.54 -24.50 -35.61
CA ILE A 208 -18.24 -23.65 -34.41
C ILE A 208 -19.03 -24.13 -33.19
N TYR A 209 -18.38 -24.22 -32.03
CA TYR A 209 -19.05 -24.53 -30.74
C TYR A 209 -19.38 -23.19 -30.07
N ILE A 210 -20.61 -23.05 -29.55
CA ILE A 210 -21.08 -21.82 -28.86
C ILE A 210 -21.64 -22.22 -27.50
N ASP A 211 -21.31 -21.47 -26.46
CA ASP A 211 -21.94 -21.72 -25.14
C ASP A 211 -22.15 -20.39 -24.47
N ARG A 212 -23.03 -20.37 -23.49
CA ARG A 212 -23.16 -19.28 -22.51
C ARG A 212 -23.35 -17.98 -23.29
N ILE A 213 -24.31 -17.97 -24.22
CA ILE A 213 -24.87 -16.71 -24.81
C ILE A 213 -25.62 -15.97 -23.68
N MET A 214 -25.21 -14.74 -23.38
CA MET A 214 -25.69 -14.07 -22.15
C MET A 214 -26.02 -12.58 -22.41
N PHE A 215 -27.10 -12.12 -21.76
CA PHE A 215 -27.58 -10.72 -21.66
C PHE A 215 -27.44 -10.34 -20.21
N SER A 216 -26.65 -9.29 -19.95
CA SER A 216 -26.28 -8.94 -18.57
C SER A 216 -26.05 -7.45 -18.52
N VAL A 217 -26.03 -6.94 -17.30
CA VAL A 217 -25.58 -5.56 -17.01
C VAL A 217 -24.12 -5.66 -16.51
N ASP A 218 -23.23 -4.88 -17.15
CA ASP A 218 -21.79 -4.97 -16.86
C ASP A 218 -21.25 -3.59 -16.58
N ASP A 219 -20.12 -3.58 -15.91
CA ASP A 219 -19.31 -2.36 -15.66
C ASP A 219 -18.95 -1.73 -17.01
N ALA A 220 -19.23 -0.45 -17.16
CA ALA A 220 -19.00 0.28 -18.43
C ALA A 220 -17.52 0.34 -18.78
N ARG A 221 -16.61 0.02 -17.87
CA ARG A 221 -15.15 0.17 -18.13
C ARG A 221 -14.60 -1.08 -18.84
N TYR A 222 -15.33 -2.20 -18.88
CA TYR A 222 -14.65 -3.51 -19.03
C TYR A 222 -15.20 -4.43 -20.13
N GLN A 223 -15.44 -3.87 -21.32
CA GLN A 223 -15.48 -4.65 -22.58
C GLN A 223 -14.33 -4.17 -23.46
N TRP A 224 -13.24 -4.97 -23.46
CA TRP A 224 -11.96 -4.60 -24.10
C TRP A 224 -11.86 -5.24 -25.48
N SER A 225 -11.31 -4.48 -26.44
CA SER A 225 -10.99 -4.91 -27.81
C SER A 225 -9.91 -5.97 -27.79
N ASP A 226 -9.88 -6.79 -28.83
CA ASP A 226 -8.81 -7.78 -28.99
C ASP A 226 -8.73 -8.15 -30.48
N TYR A 227 -8.07 -9.25 -30.79
CA TYR A 227 -7.76 -9.70 -32.18
C TYR A 227 -9.06 -10.23 -32.81
N GLN A 228 -10.09 -10.53 -32.01
CA GLN A 228 -11.41 -11.08 -32.49
C GLN A 228 -12.47 -9.96 -32.62
N VAL A 229 -12.55 -9.02 -31.68
CA VAL A 229 -13.67 -8.02 -31.65
C VAL A 229 -13.10 -6.63 -31.42
N LYS A 230 -13.60 -5.62 -32.12
CA LYS A 230 -13.32 -4.19 -31.81
C LYS A 230 -14.43 -3.66 -30.90
N THR A 231 -14.11 -3.04 -29.76
CA THR A 231 -15.08 -2.31 -28.89
C THR A 231 -14.64 -0.85 -28.81
N ARG A 232 -15.37 -0.03 -28.07
CA ARG A 232 -14.97 1.39 -27.80
C ARG A 232 -13.74 1.44 -26.88
N LEU A 233 -13.31 0.34 -26.29
CA LEU A 233 -12.26 0.31 -25.25
C LEU A 233 -11.11 -0.60 -25.68
N SER A 234 -9.88 -0.17 -25.35
CA SER A 234 -8.62 -0.86 -25.73
C SER A 234 -7.57 -0.62 -24.65
N GLU A 235 -6.89 -1.69 -24.30
CA GLU A 235 -5.68 -1.67 -23.44
C GLU A 235 -4.55 -1.95 -24.39
N PRO A 236 -3.78 -0.94 -24.82
CA PRO A 236 -2.70 -1.19 -25.77
C PRO A 236 -1.58 -2.11 -25.23
N GLU A 237 -0.99 -2.86 -26.15
CA GLU A 237 0.07 -3.87 -25.89
C GLU A 237 1.32 -3.17 -25.37
N ILE A 238 2.09 -3.93 -24.58
CA ILE A 238 3.41 -3.46 -24.11
C ILE A 238 4.29 -3.16 -25.32
N GLN A 239 5.10 -2.10 -25.23
CA GLN A 239 6.18 -1.71 -26.15
C GLN A 239 7.42 -1.48 -25.29
N PHE A 240 8.26 -2.51 -25.22
CA PHE A 240 9.43 -2.49 -24.29
C PHE A 240 10.42 -1.40 -24.71
N HIS A 241 10.79 -0.59 -23.75
CA HIS A 241 11.93 0.34 -23.86
C HIS A 241 13.20 -0.51 -23.96
N ASN A 242 14.26 0.04 -24.54
CA ASN A 242 15.56 -0.66 -24.64
C ASN A 242 16.64 0.37 -24.43
N VAL A 243 17.51 0.16 -23.47
CA VAL A 243 18.67 1.02 -23.12
C VAL A 243 19.88 0.70 -23.99
N LYS A 244 20.63 1.74 -24.33
CA LYS A 244 21.93 1.59 -25.05
C LYS A 244 23.05 1.99 -24.13
N PRO A 245 24.26 1.37 -24.25
CA PRO A 245 24.52 0.29 -25.21
C PRO A 245 23.93 -1.07 -24.81
N GLN A 246 23.78 -2.00 -25.76
CA GLN A 246 23.27 -3.34 -25.48
C GLN A 246 24.40 -4.19 -24.90
N LEU A 247 24.08 -5.09 -23.97
CA LEU A 247 25.01 -6.15 -23.53
C LEU A 247 24.95 -7.23 -24.59
N PRO A 248 26.11 -7.77 -25.00
CA PRO A 248 26.13 -8.86 -25.97
C PRO A 248 25.72 -10.22 -25.40
N VAL A 249 25.17 -11.08 -26.25
CA VAL A 249 25.09 -12.52 -25.91
C VAL A 249 26.54 -13.01 -25.85
N THR A 250 26.94 -13.44 -24.66
CA THR A 250 28.22 -14.11 -24.35
C THR A 250 27.92 -15.27 -23.40
N PRO A 251 28.83 -16.24 -23.27
CA PRO A 251 28.67 -17.23 -22.20
C PRO A 251 28.51 -16.60 -20.81
N GLU A 252 29.28 -15.57 -20.49
CA GLU A 252 29.24 -14.88 -19.18
C GLU A 252 27.86 -14.24 -19.00
N ASN A 253 27.30 -13.62 -20.02
CA ASN A 253 26.02 -12.86 -19.85
C ASN A 253 24.87 -13.85 -19.83
N LEU A 254 24.96 -14.93 -20.62
CA LEU A 254 23.93 -15.99 -20.59
C LEU A 254 23.96 -16.70 -19.22
N ALA A 255 25.14 -16.99 -18.70
CA ALA A 255 25.32 -17.66 -17.40
C ALA A 255 24.68 -16.79 -16.30
N ALA A 256 24.91 -15.49 -16.34
CA ALA A 256 24.34 -14.52 -15.36
C ALA A 256 22.82 -14.57 -15.44
N ILE A 257 22.23 -14.54 -16.64
CA ILE A 257 20.76 -14.72 -16.83
C ILE A 257 20.27 -16.02 -16.17
N ASP A 258 20.91 -17.14 -16.44
CA ASP A 258 20.49 -18.44 -15.86
C ASP A 258 20.68 -18.45 -14.32
N LEU A 259 21.62 -17.69 -13.77
CA LEU A 259 21.85 -17.66 -12.29
C LEU A 259 20.75 -16.82 -11.65
N ILE A 260 20.38 -15.72 -12.28
CA ILE A 260 19.22 -14.89 -11.83
C ILE A 260 17.95 -15.76 -11.81
N ARG A 261 17.69 -16.54 -12.85
CA ARG A 261 16.52 -17.44 -12.86
C ARG A 261 16.66 -18.41 -11.68
N GLN A 262 17.82 -19.01 -11.51
CA GLN A 262 17.97 -20.00 -10.43
C GLN A 262 17.75 -19.31 -9.07
N ARG A 263 18.28 -18.13 -8.87
CA ARG A 263 18.18 -17.43 -7.56
C ARG A 263 16.69 -17.17 -7.27
N LEU A 264 15.88 -16.93 -8.30
CA LEU A 264 14.43 -16.68 -8.12
C LEU A 264 13.78 -17.99 -7.68
N ILE A 265 14.12 -19.08 -8.36
CA ILE A 265 13.61 -20.44 -8.03
C ILE A 265 13.91 -20.68 -6.56
N ASN A 266 15.12 -20.38 -6.16
CA ASN A 266 15.59 -20.66 -4.78
C ASN A 266 14.68 -19.94 -3.77
N GLU A 267 14.36 -18.67 -4.03
CA GLU A 267 13.49 -17.89 -3.11
C GLU A 267 12.10 -18.53 -3.01
N PHE A 268 11.56 -19.11 -4.08
CA PHE A 268 10.19 -19.62 -4.09
C PHE A 268 10.10 -21.09 -3.66
N VAL A 269 11.21 -21.82 -3.54
CA VAL A 269 11.19 -23.26 -3.18
C VAL A 269 11.75 -23.50 -1.79
N GLY A 270 12.31 -22.51 -1.14
CA GLY A 270 12.78 -22.71 0.24
C GLY A 270 12.64 -21.51 1.14
N LYS A 273 8.78 -17.42 3.41
CA LYS A 273 7.31 -17.54 3.28
C LYS A 273 6.72 -16.26 2.67
N GLU A 274 6.11 -16.34 1.49
CA GLU A 274 5.43 -15.20 0.80
C GLU A 274 4.08 -14.87 1.45
N THR A 275 3.76 -13.59 1.64
CA THR A 275 2.39 -13.17 2.03
C THR A 275 1.45 -13.34 0.83
N ASN A 276 0.21 -13.73 1.09
CA ASN A 276 -0.82 -13.95 0.04
C ASN A 276 -0.31 -14.93 -1.04
N LEU A 277 0.47 -15.91 -0.61
CA LEU A 277 0.70 -17.16 -1.38
C LEU A 277 0.18 -18.30 -0.52
N ALA A 278 -0.92 -18.93 -0.91
CA ALA A 278 -1.48 -20.03 -0.12
C ALA A 278 -0.65 -21.27 -0.46
N LEU A 279 0.52 -21.41 0.20
CA LEU A 279 1.49 -22.53 0.02
C LEU A 279 0.81 -23.85 0.34
N GLU A 280 0.92 -24.85 -0.54
CA GLU A 280 0.56 -26.25 -0.22
C GLU A 280 1.71 -27.16 -0.63
N GLU A 281 2.30 -27.87 0.34
CA GLU A 281 3.49 -28.75 0.16
C GLU A 281 3.07 -30.22 0.21
N ASN A 282 1.85 -30.53 0.65
CA ASN A 282 1.39 -31.93 0.66
C ASN A 282 1.00 -32.35 -0.76
N ILE A 283 1.75 -33.27 -1.34
CA ILE A 283 1.47 -33.77 -2.72
C ILE A 283 0.08 -34.45 -2.78
N SER A 284 -0.34 -35.15 -1.73
CA SER A 284 -1.69 -35.81 -1.69
C SER A 284 -2.70 -34.71 -1.95
N LYS A 285 -2.55 -33.59 -1.26
CA LYS A 285 -3.53 -32.47 -1.36
C LYS A 285 -3.45 -31.87 -2.78
N LEU A 286 -2.25 -31.69 -3.35
CA LEU A 286 -2.15 -31.11 -4.72
C LEU A 286 -2.80 -32.02 -5.71
N LYS A 287 -2.62 -33.34 -5.58
CA LYS A 287 -3.20 -34.29 -6.55
C LYS A 287 -4.72 -34.28 -6.44
N SER A 288 -5.23 -34.23 -5.21
CA SER A 288 -6.68 -34.22 -4.87
C SER A 288 -7.32 -32.93 -5.45
N ASP A 289 -6.73 -31.76 -5.21
CA ASP A 289 -7.21 -30.47 -5.81
C ASP A 289 -7.17 -30.61 -7.34
N PHE A 290 -6.10 -31.14 -7.92
CA PHE A 290 -5.92 -31.16 -9.39
C PHE A 290 -6.99 -32.04 -10.02
N ASP A 291 -7.26 -33.20 -9.41
CA ASP A 291 -8.19 -34.21 -10.00
C ASP A 291 -9.57 -33.54 -10.03
N ALA A 292 -9.87 -32.73 -9.01
CA ALA A 292 -11.19 -32.05 -8.84
C ALA A 292 -11.48 -31.06 -9.98
N LEU A 293 -10.48 -30.71 -10.80
CA LEU A 293 -10.59 -29.82 -12.00
C LEU A 293 -11.21 -30.56 -13.18
N ASN A 294 -11.19 -31.89 -13.08
CA ASN A 294 -11.81 -32.82 -14.05
C ASN A 294 -11.27 -32.47 -15.44
N ILE A 295 -9.97 -32.23 -15.58
CA ILE A 295 -9.38 -31.97 -16.94
C ILE A 295 -9.02 -33.27 -17.70
N HIS A 296 -9.37 -33.31 -18.98
CA HIS A 296 -9.04 -34.40 -19.93
C HIS A 296 -8.69 -33.76 -21.27
N THR A 297 -7.60 -34.21 -21.87
CA THR A 297 -7.20 -34.01 -23.29
C THR A 297 -8.25 -34.59 -24.25
N LEU A 298 -8.56 -33.86 -25.33
CA LEU A 298 -9.49 -34.30 -26.39
C LEU A 298 -8.70 -34.68 -27.63
N ALA A 299 -9.38 -35.37 -28.53
CA ALA A 299 -8.84 -36.17 -29.64
C ALA A 299 -8.00 -35.29 -30.57
N ASN A 300 -8.63 -34.46 -31.39
CA ASN A 300 -7.90 -33.58 -32.35
C ASN A 300 -7.69 -32.21 -31.69
N GLY A 301 -7.54 -32.14 -30.35
CA GLY A 301 -6.98 -30.94 -29.70
C GLY A 301 -7.86 -30.38 -28.59
N GLY A 302 -7.27 -29.65 -27.64
CA GLY A 302 -8.01 -28.94 -26.61
C GLY A 302 -8.19 -29.81 -25.40
N THR A 303 -9.00 -29.34 -24.48
CA THR A 303 -9.30 -30.05 -23.22
C THR A 303 -10.80 -29.92 -22.96
N GLN A 304 -11.28 -30.72 -22.02
CA GLN A 304 -12.52 -30.48 -21.25
C GLN A 304 -12.10 -30.48 -19.77
N GLY A 305 -12.67 -29.57 -19.02
CA GLY A 305 -12.45 -29.43 -17.59
C GLY A 305 -13.27 -28.26 -17.12
N ARG A 306 -13.28 -28.04 -15.81
CA ARG A 306 -14.07 -26.94 -15.21
C ARG A 306 -13.55 -25.63 -15.78
N HIS A 307 -14.47 -24.73 -16.15
CA HIS A 307 -14.23 -23.37 -16.69
C HIS A 307 -13.52 -22.49 -15.65
N LEU A 308 -12.50 -21.80 -16.19
CA LEU A 308 -11.62 -20.87 -15.47
C LEU A 308 -12.17 -19.45 -15.64
N ILE A 309 -12.29 -18.75 -14.52
CA ILE A 309 -12.76 -17.34 -14.54
C ILE A 309 -11.98 -16.58 -13.47
N THR A 310 -11.67 -15.32 -13.75
CA THR A 310 -10.98 -14.45 -12.77
C THR A 310 -12.02 -13.91 -11.81
N ASP A 311 -11.55 -13.50 -10.62
CA ASP A 311 -12.36 -12.82 -9.57
C ASP A 311 -13.07 -11.60 -10.19
N LYS A 312 -12.53 -10.90 -11.20
CA LYS A 312 -13.16 -9.68 -11.77
C LYS A 312 -14.05 -10.01 -12.96
N GLN A 313 -13.75 -11.09 -13.68
CA GLN A 313 -14.55 -11.50 -14.87
C GLN A 313 -15.97 -11.87 -14.42
N ILE A 314 -16.15 -12.39 -13.19
CA ILE A 314 -17.46 -12.88 -12.68
C ILE A 314 -18.51 -11.75 -12.69
N ILE A 315 -18.09 -10.49 -12.67
CA ILE A 315 -18.99 -9.30 -12.60
C ILE A 315 -19.99 -9.32 -13.75
N ILE A 316 -19.54 -9.74 -14.93
CA ILE A 316 -20.34 -9.70 -16.19
C ILE A 316 -21.61 -10.57 -16.03
N TYR A 317 -21.59 -11.53 -15.12
CA TYR A 317 -22.74 -12.43 -14.80
C TYR A 317 -23.71 -11.74 -13.84
N GLN A 318 -23.23 -10.79 -13.02
CA GLN A 318 -23.94 -10.22 -11.84
C GLN A 318 -24.41 -11.39 -10.98
N PRO A 319 -23.47 -12.10 -10.33
CA PRO A 319 -23.79 -13.36 -9.66
C PRO A 319 -24.79 -13.28 -8.48
N GLU A 320 -24.83 -12.18 -7.72
CA GLU A 320 -25.83 -11.93 -6.65
C GLU A 320 -27.26 -12.05 -7.23
N ASN A 321 -27.43 -11.80 -8.53
CA ASN A 321 -28.74 -11.55 -9.17
C ASN A 321 -29.06 -12.72 -10.09
N LEU A 322 -28.19 -13.75 -10.10
CA LEU A 322 -28.39 -14.90 -11.00
C LEU A 322 -29.62 -15.65 -10.47
N ASN A 323 -30.43 -16.22 -11.34
CA ASN A 323 -31.51 -17.16 -10.96
C ASN A 323 -30.83 -18.41 -10.37
N SER A 324 -31.54 -19.15 -9.51
CA SER A 324 -30.97 -20.23 -8.67
C SER A 324 -30.36 -21.33 -9.53
N GLN A 325 -30.95 -21.50 -10.71
CA GLN A 325 -30.48 -22.50 -11.67
C GLN A 325 -29.08 -22.11 -12.20
N ASP A 326 -28.94 -20.91 -12.76
CA ASP A 326 -27.65 -20.36 -13.26
C ASP A 326 -26.63 -20.38 -12.11
N LYS A 327 -26.97 -19.84 -10.94
CA LYS A 327 -26.06 -19.78 -9.77
C LYS A 327 -25.41 -21.17 -9.57
N GLN A 328 -26.21 -22.26 -9.68
CA GLN A 328 -25.75 -23.62 -9.34
C GLN A 328 -24.62 -24.01 -10.32
N LEU A 329 -24.80 -23.72 -11.63
CA LEU A 329 -23.81 -23.97 -12.71
C LEU A 329 -22.58 -23.05 -12.55
N PHE A 330 -22.81 -21.76 -12.37
CA PHE A 330 -21.78 -20.73 -12.12
C PHE A 330 -20.84 -21.21 -11.01
N ASP A 331 -21.42 -21.83 -9.97
CA ASP A 331 -20.71 -22.23 -8.72
C ASP A 331 -19.75 -23.38 -9.07
N ASN A 332 -19.86 -23.93 -10.27
CA ASN A 332 -18.94 -24.98 -10.69
C ASN A 332 -17.67 -24.41 -11.36
N TYR A 333 -17.64 -23.12 -11.64
CA TYR A 333 -16.45 -22.48 -12.26
C TYR A 333 -15.27 -22.62 -11.28
N VAL A 334 -14.04 -22.50 -11.77
CA VAL A 334 -12.83 -22.45 -10.91
C VAL A 334 -12.29 -21.02 -11.00
N ILE A 335 -12.01 -20.40 -9.86
CA ILE A 335 -11.43 -19.03 -9.82
C ILE A 335 -9.95 -19.11 -10.20
N LEU A 336 -9.52 -18.41 -11.25
CA LEU A 336 -8.13 -18.48 -11.78
C LEU A 336 -7.09 -18.36 -10.66
N GLY A 337 -7.27 -17.44 -9.70
CA GLY A 337 -6.33 -17.23 -8.59
C GLY A 337 -6.00 -18.55 -7.92
N ASN A 338 -7.03 -19.39 -7.75
CA ASN A 338 -6.90 -20.64 -6.99
C ASN A 338 -6.12 -21.58 -7.90
N TYR A 339 -6.52 -21.61 -9.17
CA TYR A 339 -5.92 -22.45 -10.21
C TYR A 339 -4.42 -22.15 -10.37
N THR A 340 -4.06 -20.88 -10.47
CA THR A 340 -2.63 -20.53 -10.72
C THR A 340 -1.85 -20.77 -9.43
N THR A 341 -2.42 -20.51 -8.26
CA THR A 341 -1.78 -20.90 -6.97
C THR A 341 -1.46 -22.40 -7.03
N LEU A 342 -2.42 -23.21 -7.48
CA LEU A 342 -2.23 -24.68 -7.60
C LEU A 342 -1.07 -24.97 -8.57
N MET A 343 -1.05 -24.32 -9.74
CA MET A 343 0.07 -24.46 -10.69
C MET A 343 1.41 -24.18 -9.99
N PHE A 344 1.46 -23.10 -9.24
CA PHE A 344 2.72 -22.74 -8.54
C PHE A 344 3.06 -23.84 -7.51
N ASN A 345 2.13 -24.21 -6.67
CA ASN A 345 2.43 -25.23 -5.62
C ASN A 345 2.94 -26.52 -6.26
N ILE A 346 2.34 -26.93 -7.38
CA ILE A 346 2.80 -28.12 -8.11
C ILE A 346 4.23 -27.88 -8.60
N SER A 347 4.54 -26.68 -9.14
CA SER A 347 5.89 -26.38 -9.71
C SER A 347 6.91 -26.50 -8.59
N ARG A 348 6.61 -25.95 -7.40
CA ARG A 348 7.53 -25.98 -6.23
C ARG A 348 7.74 -27.44 -5.82
N ALA A 349 6.67 -28.22 -5.77
CA ALA A 349 6.74 -29.63 -5.36
C ALA A 349 7.57 -30.36 -6.41
N TYR A 350 7.32 -30.09 -7.69
CA TYR A 350 8.09 -30.69 -8.79
C TYR A 350 9.59 -30.45 -8.53
N VAL A 351 9.97 -29.19 -8.30
CA VAL A 351 11.41 -28.81 -8.15
C VAL A 351 12.01 -29.59 -6.97
N LEU A 352 11.25 -29.79 -5.88
CA LEU A 352 11.81 -30.42 -4.67
C LEU A 352 11.69 -31.94 -4.68
N GLU A 353 10.98 -32.52 -5.64
CA GLU A 353 10.56 -33.95 -5.55
C GLU A 353 11.76 -34.87 -5.83
N LYS A 354 12.04 -35.74 -4.87
CA LYS A 354 13.20 -36.70 -4.93
C LYS A 354 12.74 -37.98 -5.63
N ASP A 355 11.48 -38.40 -5.47
CA ASP A 355 10.99 -39.64 -6.13
C ASP A 355 10.80 -39.37 -7.61
N PRO A 356 11.47 -40.10 -8.52
CA PRO A 356 11.31 -39.84 -9.96
C PRO A 356 9.90 -40.08 -10.49
N THR A 357 9.14 -41.04 -9.96
CA THR A 357 7.76 -41.32 -10.44
C THR A 357 6.84 -40.14 -10.08
N GLN A 358 6.82 -39.75 -8.80
CA GLN A 358 6.04 -38.59 -8.31
C GLN A 358 6.44 -37.32 -9.10
N LYS A 359 7.76 -37.14 -9.30
CA LYS A 359 8.31 -35.95 -10.00
C LYS A 359 7.68 -35.85 -11.39
N ALA A 360 7.71 -36.92 -12.17
CA ALA A 360 7.11 -36.98 -13.54
C ALA A 360 5.59 -36.66 -13.52
N GLN A 361 4.91 -37.17 -12.50
CA GLN A 361 3.46 -37.00 -12.31
C GLN A 361 3.18 -35.50 -12.15
N LEU A 362 3.96 -34.83 -11.31
CA LEU A 362 3.82 -33.38 -10.95
C LEU A 362 4.07 -32.57 -12.23
N LYS A 363 4.99 -32.98 -13.07
CA LYS A 363 5.25 -32.26 -14.33
C LYS A 363 4.07 -32.40 -15.26
N GLN A 364 3.50 -33.61 -15.35
CA GLN A 364 2.36 -33.87 -16.26
C GLN A 364 1.16 -33.04 -15.79
N MET A 365 0.95 -32.99 -14.48
CA MET A 365 -0.12 -32.19 -13.83
C MET A 365 0.11 -30.73 -14.23
N TYR A 366 1.32 -30.19 -14.10
CA TYR A 366 1.59 -28.78 -14.46
C TYR A 366 1.33 -28.51 -15.94
N LEU A 367 1.80 -29.36 -16.84
CA LEU A 367 1.69 -29.12 -18.29
C LEU A 367 0.22 -29.26 -18.72
N LEU A 368 -0.52 -30.17 -18.07
CA LEU A 368 -1.95 -30.36 -18.42
C LEU A 368 -2.70 -29.10 -17.97
N MET A 369 -2.41 -28.61 -16.77
CA MET A 369 -3.05 -27.37 -16.25
C MET A 369 -2.72 -26.24 -17.25
N THR A 370 -1.51 -26.22 -17.81
CA THR A 370 -1.05 -25.19 -18.75
C THR A 370 -1.86 -25.32 -20.04
N LYS A 371 -2.04 -26.53 -20.50
CA LYS A 371 -2.78 -26.78 -21.76
C LYS A 371 -4.26 -26.39 -21.59
N HIS A 372 -4.87 -26.71 -20.45
CA HIS A 372 -6.28 -26.37 -20.14
C HIS A 372 -6.39 -24.83 -20.08
N LEU A 373 -5.40 -24.16 -19.47
CA LEU A 373 -5.42 -22.67 -19.29
C LEU A 373 -5.39 -22.00 -20.68
N LEU A 374 -4.51 -22.44 -21.56
CA LEU A 374 -4.38 -21.87 -22.91
C LEU A 374 -5.62 -22.19 -23.75
N ASP A 375 -6.15 -23.42 -23.68
CA ASP A 375 -7.32 -23.80 -24.50
C ASP A 375 -8.56 -23.02 -24.01
N GLN A 376 -8.58 -22.63 -22.74
CA GLN A 376 -9.71 -21.84 -22.13
C GLN A 376 -9.70 -20.39 -22.63
N GLY A 377 -8.73 -20.02 -23.48
CA GLY A 377 -8.59 -18.72 -24.15
C GLY A 377 -7.68 -17.71 -23.42
N PHE A 378 -6.94 -18.11 -22.38
CA PHE A 378 -5.88 -17.26 -21.76
C PHE A 378 -4.62 -17.29 -22.64
N VAL A 379 -4.68 -16.54 -23.75
CA VAL A 379 -3.69 -16.56 -24.84
C VAL A 379 -3.60 -15.15 -25.39
N LYS A 380 -2.50 -14.86 -26.06
CA LYS A 380 -2.26 -13.59 -26.74
C LYS A 380 -3.46 -13.28 -27.63
N GLY A 381 -3.93 -12.02 -27.62
CA GLY A 381 -4.98 -11.53 -28.54
C GLY A 381 -6.38 -11.86 -28.05
N SER A 382 -6.52 -12.45 -26.87
CA SER A 382 -7.81 -12.90 -26.31
C SER A 382 -8.08 -12.06 -25.06
N ALA A 383 -8.89 -10.99 -25.18
CA ALA A 383 -9.17 -10.09 -24.04
C ALA A 383 -9.96 -10.83 -22.98
N LEU A 384 -10.74 -11.87 -23.34
CA LEU A 384 -11.73 -12.54 -22.46
C LEU A 384 -12.72 -11.49 -21.88
N VAL A 385 -13.12 -10.54 -22.72
CA VAL A 385 -13.90 -9.30 -22.39
C VAL A 385 -13.07 -8.40 -21.46
N THR A 386 -12.61 -8.86 -20.31
CA THR A 386 -11.64 -8.10 -19.51
C THR A 386 -10.77 -9.05 -18.70
N THR A 387 -9.64 -8.53 -18.24
CA THR A 387 -8.77 -9.19 -17.27
C THR A 387 -8.23 -8.15 -16.29
N HIS A 388 -9.02 -7.12 -15.95
CA HIS A 388 -8.54 -6.07 -15.04
C HIS A 388 -8.23 -6.68 -13.67
N HIS A 389 -7.28 -6.07 -12.97
CA HIS A 389 -6.64 -6.59 -11.74
C HIS A 389 -6.07 -7.98 -12.04
N TRP A 390 -5.49 -8.15 -13.23
CA TRP A 390 -4.86 -9.42 -13.69
C TRP A 390 -3.88 -10.00 -12.67
N GLY A 391 -3.06 -9.16 -12.02
CA GLY A 391 -2.09 -9.64 -11.01
C GLY A 391 -2.68 -10.52 -9.92
N TYR A 392 -3.82 -10.18 -9.33
CA TYR A 392 -4.45 -10.98 -8.24
C TYR A 392 -4.77 -12.39 -8.75
N SER A 393 -5.08 -12.58 -10.04
CA SER A 393 -5.47 -13.90 -10.60
C SER A 393 -4.25 -14.70 -11.06
N SER A 394 -3.11 -14.05 -11.34
CA SER A 394 -2.04 -14.65 -12.17
C SER A 394 -0.65 -14.51 -11.54
N ARG A 395 -0.48 -13.77 -10.47
CA ARG A 395 0.91 -13.50 -9.98
C ARG A 395 1.72 -14.79 -9.86
N TRP A 396 1.17 -15.88 -9.34
CA TRP A 396 1.98 -17.12 -9.09
C TRP A 396 2.07 -17.95 -10.39
N TRP A 397 1.26 -17.68 -11.40
CA TRP A 397 1.53 -18.25 -12.74
C TRP A 397 2.90 -17.78 -13.27
N TYR A 398 3.13 -16.47 -13.30
CA TYR A 398 4.43 -15.89 -13.71
C TYR A 398 5.59 -16.63 -13.03
N ILE A 399 5.51 -16.76 -11.71
CA ILE A 399 6.63 -17.34 -10.89
C ILE A 399 6.76 -18.84 -11.22
N SER A 400 5.65 -19.56 -11.35
CA SER A 400 5.67 -21.00 -11.73
C SER A 400 6.49 -21.20 -13.03
N THR A 401 6.43 -20.27 -13.98
CA THR A 401 7.13 -20.43 -15.30
C THR A 401 8.64 -20.46 -15.13
N LEU A 402 9.19 -19.81 -14.12
CA LEU A 402 10.64 -19.86 -13.82
C LEU A 402 10.98 -21.30 -13.43
N LEU A 403 10.20 -21.88 -12.54
CA LEU A 403 10.44 -23.23 -11.99
C LEU A 403 10.25 -24.24 -13.12
N MET A 404 9.29 -23.99 -14.03
CA MET A 404 8.92 -24.96 -15.10
C MET A 404 9.51 -24.58 -16.45
N SER A 405 10.52 -23.70 -16.53
CA SER A 405 11.00 -23.08 -17.80
C SER A 405 11.49 -24.19 -18.75
N ASP A 406 12.30 -25.14 -18.25
CA ASP A 406 12.81 -26.28 -19.08
C ASP A 406 11.66 -27.22 -19.46
N ALA A 407 10.73 -27.49 -18.56
CA ALA A 407 9.58 -28.35 -18.90
C ALA A 407 8.79 -27.70 -20.01
N LEU A 408 8.52 -26.38 -19.95
CA LEU A 408 7.77 -25.66 -21.00
C LEU A 408 8.54 -25.66 -22.33
N LYS A 409 9.86 -25.55 -22.28
CA LYS A 409 10.73 -25.66 -23.49
C LYS A 409 10.51 -27.01 -24.15
N GLU A 410 10.62 -28.09 -23.36
CA GLU A 410 10.57 -29.47 -23.90
C GLU A 410 9.18 -29.69 -24.46
N ALA A 411 8.13 -29.14 -23.82
CA ALA A 411 6.76 -29.33 -24.31
C ALA A 411 6.45 -28.36 -25.44
N ASN A 412 7.36 -27.45 -25.79
CA ASN A 412 7.12 -26.47 -26.87
C ASN A 412 5.97 -25.52 -26.48
N LEU A 413 5.86 -25.17 -25.20
CA LEU A 413 4.78 -24.31 -24.66
C LEU A 413 5.37 -22.94 -24.24
N GLN A 414 6.70 -22.78 -24.23
CA GLN A 414 7.31 -21.54 -23.66
C GLN A 414 6.85 -20.32 -24.47
N THR A 415 6.85 -20.38 -25.81
CA THR A 415 6.47 -19.19 -26.63
C THR A 415 4.98 -18.88 -26.40
N GLN A 416 4.12 -19.89 -26.30
CA GLN A 416 2.67 -19.60 -26.09
C GLN A 416 2.47 -18.93 -24.72
N VAL A 417 3.14 -19.42 -23.68
CA VAL A 417 2.98 -18.96 -22.28
C VAL A 417 3.56 -17.55 -22.20
N TYR A 418 4.68 -17.31 -22.87
CA TYR A 418 5.31 -15.96 -22.86
C TYR A 418 4.40 -14.95 -23.58
N ASP A 419 3.90 -15.32 -24.75
CA ASP A 419 3.01 -14.41 -25.53
C ASP A 419 1.76 -14.10 -24.69
N SER A 420 1.16 -15.09 -24.05
CA SER A 420 -0.06 -14.96 -23.19
C SER A 420 0.24 -14.01 -22.02
N LEU A 421 1.29 -14.28 -21.26
CA LEU A 421 1.61 -13.48 -20.05
C LEU A 421 1.93 -12.04 -20.48
N LEU A 422 2.66 -11.87 -21.59
CA LEU A 422 3.01 -10.53 -22.13
C LEU A 422 1.74 -9.78 -22.47
N TRP A 423 0.83 -10.48 -23.16
CA TRP A 423 -0.48 -9.90 -23.59
C TRP A 423 -1.26 -9.41 -22.37
N TYR A 424 -1.49 -10.26 -21.39
CA TYR A 424 -2.26 -9.90 -20.16
C TYR A 424 -1.55 -8.85 -19.31
N SER A 425 -0.21 -8.80 -19.39
CA SER A 425 0.61 -7.79 -18.68
C SER A 425 0.42 -6.37 -19.22
N ARG A 426 -0.27 -6.20 -20.34
CA ARG A 426 -0.46 -4.88 -20.98
C ARG A 426 -1.24 -3.96 -20.05
N GLU A 427 -2.01 -4.53 -19.15
CA GLU A 427 -2.65 -3.73 -18.09
C GLU A 427 -1.61 -2.93 -17.30
N PHE A 428 -0.41 -3.48 -17.15
CA PHE A 428 0.69 -2.84 -16.38
C PHE A 428 1.66 -2.09 -17.31
N LYS A 429 1.24 -1.71 -18.50
CA LYS A 429 2.15 -1.14 -19.53
C LYS A 429 2.98 0.01 -18.95
N SER A 430 2.45 0.82 -18.03
CA SER A 430 3.14 2.04 -17.53
C SER A 430 4.43 1.62 -16.84
N SER A 431 4.46 0.47 -16.19
CA SER A 431 5.70 -0.05 -15.56
C SER A 431 6.39 -1.03 -16.51
N PHE A 432 5.65 -1.98 -17.10
CA PHE A 432 6.28 -3.09 -17.86
C PHE A 432 7.07 -2.54 -19.06
N ASP A 433 6.70 -1.39 -19.62
CA ASP A 433 7.42 -0.81 -20.80
C ASP A 433 8.86 -0.45 -20.36
N MET A 434 9.08 -0.21 -19.08
CA MET A 434 10.42 -0.02 -18.44
C MET A 434 11.04 1.33 -18.87
N LYS A 435 10.21 2.32 -19.10
CA LYS A 435 10.72 3.69 -19.35
C LYS A 435 10.54 4.44 -18.04
N VAL A 436 11.61 4.92 -17.45
CA VAL A 436 11.55 5.60 -16.14
C VAL A 436 10.71 6.89 -16.30
N SER A 437 9.72 7.06 -15.43
CA SER A 437 8.78 8.21 -15.40
C SER A 437 8.51 8.60 -13.93
N ALA A 438 7.79 9.70 -13.72
CA ALA A 438 7.54 10.18 -12.34
C ALA A 438 6.71 9.15 -11.55
N ASP A 439 6.03 8.25 -12.22
CA ASP A 439 5.17 7.21 -11.61
C ASP A 439 5.92 5.88 -11.39
N SER A 440 7.19 5.75 -11.85
CA SER A 440 7.92 4.47 -11.83
C SER A 440 8.23 3.93 -10.41
N SER A 441 8.19 4.79 -9.38
CA SER A 441 8.63 4.44 -8.01
C SER A 441 7.46 3.86 -7.19
N ASP A 442 6.38 3.49 -7.86
CA ASP A 442 5.12 2.87 -7.38
C ASP A 442 5.43 1.78 -6.36
N LEU A 443 4.97 1.95 -5.12
CA LEU A 443 5.34 0.98 -4.06
C LEU A 443 4.49 -0.26 -4.21
N ASP A 444 3.30 -0.18 -4.79
CA ASP A 444 2.48 -1.40 -4.97
C ASP A 444 3.21 -2.27 -5.99
N TYR A 445 3.73 -1.66 -7.06
CA TYR A 445 4.51 -2.43 -8.08
C TYR A 445 5.57 -3.25 -7.37
N PHE A 446 6.40 -2.62 -6.53
CA PHE A 446 7.57 -3.28 -5.91
C PHE A 446 7.04 -4.48 -5.13
N ASN A 447 5.89 -4.33 -4.49
CA ASN A 447 5.27 -5.43 -3.71
C ASN A 447 4.72 -6.50 -4.68
N THR A 448 3.68 -6.20 -5.46
CA THR A 448 2.83 -7.22 -6.08
C THR A 448 3.32 -7.65 -7.50
N LEU A 449 4.18 -6.88 -8.21
CA LEU A 449 4.43 -7.06 -9.66
C LEU A 449 5.93 -7.18 -10.02
N SER A 450 6.87 -6.68 -9.24
CA SER A 450 8.28 -6.55 -9.71
C SER A 450 8.89 -7.93 -10.05
N ARG A 451 8.63 -8.95 -9.25
CA ARG A 451 9.29 -10.27 -9.46
C ARG A 451 8.61 -10.96 -10.63
N GLN A 452 7.34 -10.68 -10.79
CA GLN A 452 6.51 -11.18 -11.93
C GLN A 452 7.02 -10.57 -13.23
N HIS A 453 7.34 -9.28 -13.16
CA HIS A 453 7.91 -8.49 -14.29
C HIS A 453 9.23 -9.19 -14.72
N LEU A 454 10.12 -9.42 -13.77
CA LEU A 454 11.42 -10.09 -14.06
C LEU A 454 11.14 -11.45 -14.69
N ALA A 455 10.22 -12.21 -14.10
CA ALA A 455 9.94 -13.61 -14.54
C ALA A 455 9.46 -13.60 -16.00
N LEU A 456 8.60 -12.65 -16.36
CA LEU A 456 8.11 -12.49 -17.75
C LEU A 456 9.32 -12.30 -18.64
N LEU A 457 10.23 -11.41 -18.25
CA LEU A 457 11.38 -11.06 -19.15
C LEU A 457 12.23 -12.32 -19.34
N LEU A 458 12.46 -13.08 -18.28
CA LEU A 458 13.37 -14.26 -18.34
C LEU A 458 12.72 -15.31 -19.23
N LEU A 459 11.42 -15.24 -19.44
CA LEU A 459 10.62 -16.20 -20.26
C LEU A 459 10.74 -15.87 -21.77
N GLU A 460 11.36 -14.75 -22.12
CA GLU A 460 11.55 -14.35 -23.53
C GLU A 460 12.43 -15.40 -24.21
N PRO A 461 11.94 -15.99 -25.32
CA PRO A 461 12.67 -17.04 -26.05
C PRO A 461 13.97 -16.64 -26.74
N ASP A 462 14.15 -15.44 -27.31
CA ASP A 462 15.40 -15.05 -27.98
C ASP A 462 16.46 -14.59 -26.95
N ASP A 463 17.71 -15.04 -27.06
CA ASP A 463 18.74 -14.78 -26.03
C ASP A 463 19.09 -13.29 -26.02
N GLN A 464 19.30 -12.71 -27.20
CA GLN A 464 19.72 -11.30 -27.29
C GLN A 464 18.57 -10.47 -26.75
N LYS A 465 17.34 -10.77 -27.11
CA LYS A 465 16.20 -9.92 -26.60
C LYS A 465 16.07 -10.10 -25.08
N ARG A 466 16.25 -11.32 -24.57
CA ARG A 466 16.18 -11.57 -23.10
C ARG A 466 17.24 -10.72 -22.39
N ILE A 467 18.46 -10.72 -22.89
CA ILE A 467 19.54 -9.92 -22.27
C ILE A 467 19.17 -8.43 -22.37
N ASN A 468 18.58 -7.98 -23.49
CA ASN A 468 18.26 -6.54 -23.63
C ASN A 468 17.15 -6.20 -22.63
N LEU A 469 16.19 -7.09 -22.42
CA LEU A 469 15.08 -6.82 -21.52
C LEU A 469 15.59 -6.74 -20.09
N VAL A 470 16.46 -7.66 -19.67
CA VAL A 470 16.90 -7.71 -18.27
C VAL A 470 17.87 -6.56 -18.01
N ASN A 471 18.72 -6.24 -18.97
CA ASN A 471 19.55 -5.01 -18.90
C ASN A 471 18.67 -3.77 -18.67
N THR A 472 17.63 -3.64 -19.46
CA THR A 472 16.68 -2.48 -19.41
C THR A 472 15.97 -2.47 -18.07
N PHE A 473 15.64 -3.64 -17.55
CA PHE A 473 14.95 -3.80 -16.25
C PHE A 473 15.84 -3.30 -15.12
N SER A 474 17.12 -3.65 -15.17
CA SER A 474 18.10 -3.22 -14.17
C SER A 474 18.16 -1.68 -14.16
N HIS A 475 18.23 -1.08 -15.34
CA HIS A 475 18.24 0.38 -15.46
C HIS A 475 16.92 0.92 -14.89
N TYR A 476 15.78 0.31 -15.22
CA TYR A 476 14.44 0.77 -14.77
C TYR A 476 14.38 0.77 -13.23
N ILE A 477 14.75 -0.35 -12.62
CA ILE A 477 14.70 -0.53 -11.14
C ILE A 477 15.67 0.47 -10.50
N THR A 478 16.85 0.67 -11.07
CA THR A 478 17.85 1.63 -10.53
C THR A 478 17.19 3.00 -10.51
N GLY A 479 16.66 3.45 -11.64
CA GLY A 479 16.06 4.80 -11.70
C GLY A 479 14.89 4.89 -10.74
N ALA A 480 14.04 3.86 -10.66
CA ALA A 480 12.83 3.91 -9.80
C ALA A 480 13.29 4.03 -8.31
N LEU A 481 14.39 3.38 -7.96
CA LEU A 481 14.90 3.42 -6.58
C LEU A 481 15.79 4.62 -6.33
N THR A 482 16.18 5.38 -7.36
CA THR A 482 17.13 6.51 -7.18
C THR A 482 16.38 7.84 -7.20
N GLN A 483 15.46 8.02 -8.17
CA GLN A 483 14.84 9.32 -8.43
C GLN A 483 14.07 9.80 -7.19
N VAL A 484 14.00 11.11 -7.04
CA VAL A 484 13.05 11.74 -6.10
C VAL A 484 11.81 12.10 -6.90
N PRO A 485 10.72 11.33 -6.73
CA PRO A 485 9.53 11.63 -7.47
C PRO A 485 9.01 12.99 -7.04
N PRO A 486 8.40 13.70 -7.99
CA PRO A 486 7.84 15.01 -7.72
C PRO A 486 6.59 14.87 -6.86
N GLY A 487 6.37 15.91 -6.06
CA GLY A 487 5.12 16.07 -5.33
C GLY A 487 4.84 14.88 -4.46
N GLY A 488 3.61 14.38 -4.56
CA GLY A 488 3.17 13.29 -3.70
C GLY A 488 3.30 11.92 -4.35
N LYS A 489 3.92 11.83 -5.51
CA LYS A 489 3.99 10.54 -6.24
C LYS A 489 4.69 9.49 -5.37
N ASP A 490 4.33 8.22 -5.57
CA ASP A 490 4.95 7.11 -4.78
C ASP A 490 6.47 7.14 -4.87
N GLY A 491 7.14 6.74 -3.78
CA GLY A 491 8.52 6.28 -3.88
C GLY A 491 9.32 6.71 -2.68
N LEU A 492 10.61 6.45 -2.71
CA LEU A 492 11.49 6.82 -1.58
C LEU A 492 11.69 8.33 -1.59
N ARG A 493 12.09 8.88 -0.45
CA ARG A 493 12.35 10.33 -0.33
C ARG A 493 13.71 10.55 0.33
N PRO A 494 14.28 11.76 0.23
CA PRO A 494 15.64 11.96 0.72
C PRO A 494 15.87 11.93 2.22
N ASP A 495 14.80 12.01 3.00
CA ASP A 495 14.93 11.85 4.47
C ASP A 495 14.72 10.41 4.84
N GLY A 496 14.56 9.52 3.87
CA GLY A 496 14.30 8.12 4.19
C GLY A 496 12.83 7.77 4.37
N THR A 497 11.88 8.71 4.27
CA THR A 497 10.45 8.33 4.17
C THR A 497 10.16 7.65 2.82
N ALA A 498 9.03 6.99 2.71
CA ALA A 498 8.70 6.17 1.51
C ALA A 498 7.18 6.30 1.33
N TRP A 499 6.73 6.81 0.20
CA TRP A 499 5.34 7.36 0.06
C TRP A 499 4.48 6.45 -0.84
N ARG A 500 3.23 6.26 -0.41
CA ARG A 500 2.13 5.77 -1.26
C ARG A 500 0.88 6.52 -0.79
N HIS A 501 -0.14 6.66 -1.63
CA HIS A 501 -1.34 7.50 -1.31
C HIS A 501 -0.85 8.88 -0.87
N GLU A 502 0.23 9.40 -1.50
CA GLU A 502 0.65 10.81 -1.39
C GLU A 502 1.14 11.15 0.02
N GLY A 503 1.67 10.18 0.74
CA GLY A 503 2.42 10.45 1.98
C GLY A 503 3.22 9.23 2.46
N ASN A 504 4.07 9.49 3.44
CA ASN A 504 4.85 8.42 4.10
C ASN A 504 3.89 7.34 4.58
N TYR A 505 4.10 6.09 4.19
CA TYR A 505 3.10 5.04 4.44
C TYR A 505 3.75 3.69 4.71
N PRO A 506 4.19 3.40 5.97
CA PRO A 506 4.81 2.12 6.28
C PRO A 506 4.04 0.88 5.82
N GLY A 507 2.73 0.92 5.97
CA GLY A 507 1.85 -0.20 5.57
C GLY A 507 2.03 -0.57 4.09
N TYR A 508 2.43 0.36 3.23
CA TYR A 508 2.77 0.07 1.82
C TYR A 508 4.28 -0.03 1.58
N SER A 509 5.11 0.80 2.24
CA SER A 509 6.58 0.80 2.03
C SER A 509 7.21 -0.51 2.52
N PHE A 510 6.74 -1.10 3.63
CA PHE A 510 7.41 -2.27 4.25
C PHE A 510 7.41 -3.44 3.26
N PRO A 511 6.28 -3.87 2.65
CA PRO A 511 6.35 -4.93 1.65
C PRO A 511 7.16 -4.55 0.38
N ALA A 512 7.20 -3.27 0.02
CA ALA A 512 8.00 -2.78 -1.12
C ALA A 512 9.50 -2.93 -0.78
N PHE A 513 9.90 -2.60 0.46
CA PHE A 513 11.31 -2.73 0.92
C PHE A 513 11.76 -4.18 0.83
N LYS A 514 10.91 -5.10 1.27
CA LYS A 514 11.26 -6.53 1.29
C LYS A 514 11.57 -6.97 -0.15
N ASN A 515 10.63 -6.75 -1.04
CA ASN A 515 10.73 -7.23 -2.45
C ASN A 515 11.76 -6.42 -3.24
N ALA A 516 11.88 -5.10 -3.07
CA ALA A 516 12.94 -4.34 -3.75
C ALA A 516 14.32 -4.85 -3.29
N SER A 517 14.54 -5.04 -1.97
CA SER A 517 15.79 -5.67 -1.46
C SER A 517 15.98 -7.04 -2.15
N GLN A 518 14.96 -7.87 -2.20
CA GLN A 518 15.12 -9.20 -2.86
C GLN A 518 15.56 -9.02 -4.32
N LEU A 519 14.95 -8.11 -5.05
CA LEU A 519 15.27 -7.89 -6.49
C LEU A 519 16.73 -7.53 -6.63
N ILE A 520 17.21 -6.58 -5.83
CA ILE A 520 18.64 -6.17 -5.88
C ILE A 520 19.50 -7.41 -5.57
N TYR A 521 19.14 -8.18 -4.55
CA TYR A 521 19.87 -9.43 -4.19
C TYR A 521 19.83 -10.42 -5.36
N LEU A 522 18.70 -10.59 -6.04
CA LEU A 522 18.65 -11.56 -7.19
C LEU A 522 19.66 -11.18 -8.29
N LEU A 523 19.87 -9.87 -8.54
CA LEU A 523 20.69 -9.34 -9.63
C LEU A 523 22.13 -9.12 -9.18
N ARG A 524 22.49 -9.38 -7.91
CA ARG A 524 23.81 -8.93 -7.36
C ARG A 524 24.97 -9.63 -8.07
N ASP A 525 26.08 -8.94 -8.17
CA ASP A 525 27.36 -9.51 -8.68
C ASP A 525 27.15 -10.07 -10.08
N THR A 526 26.37 -9.41 -10.91
CA THR A 526 26.16 -9.81 -12.31
C THR A 526 26.29 -8.54 -13.13
N PRO A 527 26.35 -8.68 -14.48
CA PRO A 527 26.22 -7.53 -15.36
C PRO A 527 24.86 -6.81 -15.27
N PHE A 528 23.89 -7.41 -14.56
CA PHE A 528 22.53 -6.85 -14.41
C PHE A 528 22.29 -6.22 -13.04
N SER A 529 23.32 -6.10 -12.22
CA SER A 529 23.19 -5.63 -10.81
C SER A 529 22.56 -4.22 -10.84
N VAL A 530 21.75 -3.92 -9.83
CA VAL A 530 21.17 -2.57 -9.65
C VAL A 530 22.25 -1.55 -9.33
N GLY A 531 22.15 -0.37 -9.88
CA GLY A 531 23.08 0.74 -9.58
C GLY A 531 23.19 1.03 -8.09
N GLU A 532 24.40 1.38 -7.67
CA GLU A 532 24.73 1.71 -6.28
C GLU A 532 23.82 2.84 -5.82
N SER A 533 23.46 3.79 -6.69
CA SER A 533 22.56 4.89 -6.27
C SER A 533 21.20 4.34 -5.77
N GLY A 534 20.67 3.28 -6.37
CA GLY A 534 19.40 2.71 -5.93
C GLY A 534 19.60 1.92 -4.63
N TRP A 535 20.70 1.19 -4.52
CA TRP A 535 21.09 0.49 -3.26
C TRP A 535 21.21 1.49 -2.10
N ASN A 536 21.92 2.59 -2.31
CA ASN A 536 22.12 3.62 -1.28
C ASN A 536 20.78 4.19 -0.83
N ASN A 537 19.88 4.49 -1.78
CA ASN A 537 18.60 5.15 -1.41
C ASN A 537 17.76 4.19 -0.55
N LEU A 538 17.71 2.95 -0.97
CA LEU A 538 16.92 1.91 -0.32
C LEU A 538 17.52 1.66 1.07
N LYS A 539 18.85 1.62 1.16
CA LYS A 539 19.50 1.50 2.50
C LYS A 539 19.01 2.62 3.42
N LYS A 540 19.05 3.85 2.94
CA LYS A 540 18.59 5.01 3.75
C LYS A 540 17.15 4.74 4.26
N ALA A 541 16.23 4.34 3.37
CA ALA A 541 14.80 4.11 3.76
C ALA A 541 14.69 2.96 4.77
N MET A 542 15.50 1.93 4.61
CA MET A 542 15.41 0.73 5.46
C MET A 542 16.08 0.98 6.81
N VAL A 543 17.19 1.72 6.85
CA VAL A 543 17.79 2.10 8.15
C VAL A 543 16.79 3.04 8.86
N SER A 544 16.15 3.91 8.10
CA SER A 544 15.10 4.81 8.67
C SER A 544 13.99 3.98 9.31
N ALA A 545 13.51 2.94 8.62
CA ALA A 545 12.39 2.08 9.12
C ALA A 545 12.80 1.40 10.44
N TRP A 546 14.04 0.95 10.55
CA TRP A 546 14.58 0.37 11.79
C TRP A 546 14.52 1.42 12.91
N ILE A 547 14.82 2.68 12.61
CA ILE A 547 14.71 3.77 13.60
C ILE A 547 13.25 4.03 14.03
N TYR A 548 12.27 4.08 13.11
CA TYR A 548 10.89 4.55 13.45
C TYR A 548 9.97 3.37 13.78
N SER A 549 10.52 2.18 14.00
CA SER A 549 9.72 1.00 14.37
C SER A 549 10.31 0.34 15.63
N ASN A 550 9.51 -0.35 16.45
CA ASN A 550 10.12 -0.86 17.72
C ASN A 550 9.45 -2.11 18.27
N PRO A 551 9.19 -3.21 17.52
CA PRO A 551 9.50 -3.34 16.10
C PRO A 551 8.32 -2.98 15.20
N GLU A 552 7.18 -2.61 15.79
CA GLU A 552 6.01 -2.08 15.03
C GLU A 552 6.18 -0.59 14.89
N VAL A 553 5.71 0.01 13.79
CA VAL A 553 5.63 1.49 13.73
C VAL A 553 4.59 1.96 14.74
N GLY A 554 4.79 3.15 15.27
CA GLY A 554 3.83 3.66 16.26
C GLY A 554 2.43 3.87 15.68
N LEU A 555 1.45 4.07 16.57
CA LEU A 555 0.06 4.46 16.20
C LEU A 555 0.06 5.61 15.20
N PRO A 556 0.90 6.65 15.35
CA PRO A 556 0.86 7.78 14.42
C PRO A 556 1.29 7.43 12.97
N LEU A 557 1.99 6.32 12.77
CA LEU A 557 2.49 5.85 11.46
C LEU A 557 1.65 4.67 10.97
N ALA A 558 0.52 4.35 11.64
CA ALA A 558 -0.25 3.13 11.27
C ALA A 558 -1.08 3.35 10.01
N GLY A 559 -1.07 4.56 9.44
CA GLY A 559 -2.00 4.85 8.33
C GLY A 559 -3.45 4.54 8.71
N ARG A 560 -4.23 3.91 7.82
CA ARG A 560 -5.65 3.64 8.09
C ARG A 560 -5.84 2.38 8.95
N HIS A 561 -4.76 1.80 9.50
CA HIS A 561 -4.81 0.56 10.28
C HIS A 561 -4.31 0.77 11.70
N PRO A 562 -4.88 1.72 12.47
CA PRO A 562 -4.45 1.86 13.85
C PRO A 562 -4.65 0.53 14.59
N PHE A 563 -3.73 0.22 15.49
CA PHE A 563 -3.71 -1.02 16.29
C PHE A 563 -3.45 -2.25 15.40
N ASN A 564 -3.01 -2.06 14.17
CA ASN A 564 -2.51 -3.16 13.31
C ASN A 564 -1.31 -2.64 12.51
N SER A 565 -0.39 -2.02 13.22
CA SER A 565 0.81 -1.40 12.62
C SER A 565 1.57 -2.47 11.87
N PRO A 566 2.21 -2.13 10.74
CA PRO A 566 3.23 -3.04 10.20
C PRO A 566 4.41 -3.20 11.16
N SER A 567 5.05 -4.31 11.07
CA SER A 567 6.19 -4.68 11.93
C SER A 567 7.40 -4.85 11.04
N LEU A 568 8.53 -4.42 11.51
CA LEU A 568 9.79 -4.69 10.79
C LEU A 568 10.05 -6.20 10.73
N LYS A 569 9.43 -7.02 11.60
CA LYS A 569 9.63 -8.48 11.54
C LYS A 569 9.27 -8.96 10.14
N SER A 570 8.23 -8.41 9.52
CA SER A 570 7.79 -8.84 8.16
C SER A 570 8.82 -8.46 7.07
N VAL A 571 9.72 -7.53 7.34
CA VAL A 571 10.71 -7.00 6.36
C VAL A 571 12.07 -7.69 6.63
N ALA A 572 12.21 -8.51 7.69
CA ALA A 572 13.51 -8.95 8.25
C ALA A 572 14.46 -9.40 7.12
N GLN A 573 13.99 -10.29 6.26
CA GLN A 573 14.84 -10.92 5.20
C GLN A 573 15.40 -9.83 4.26
N GLY A 574 14.69 -8.72 4.10
CA GLY A 574 15.17 -7.62 3.24
C GLY A 574 16.48 -7.04 3.73
N TYR A 575 16.71 -7.06 5.05
CA TYR A 575 17.97 -6.53 5.59
C TYR A 575 19.11 -7.48 5.20
N TYR A 576 18.88 -8.78 5.25
CA TYR A 576 19.91 -9.75 4.83
C TYR A 576 20.18 -9.55 3.34
N TRP A 577 19.11 -9.54 2.53
CA TRP A 577 19.22 -9.35 1.06
C TRP A 577 19.96 -8.09 0.71
N LEU A 578 19.65 -6.99 1.38
CA LEU A 578 20.31 -5.73 1.00
C LEU A 578 21.76 -5.68 1.51
N ALA A 579 22.02 -6.25 2.70
CA ALA A 579 23.40 -6.33 3.24
C ALA A 579 24.28 -7.12 2.29
N MET A 580 23.76 -8.21 1.73
CA MET A 580 24.58 -9.21 0.99
C MET A 580 24.68 -8.75 -0.48
N SER A 581 24.02 -7.67 -0.86
CA SER A 581 24.04 -7.11 -2.22
C SER A 581 24.84 -5.80 -2.26
N ALA A 582 25.53 -5.47 -1.16
CA ALA A 582 26.39 -4.29 -1.12
C ALA A 582 27.55 -4.47 -2.13
N LYS A 583 28.03 -3.38 -2.64
CA LYS A 583 29.24 -3.38 -3.50
C LYS A 583 30.43 -3.96 -2.71
N SER A 584 30.52 -3.63 -1.43
CA SER A 584 31.44 -4.28 -0.48
C SER A 584 30.65 -5.07 0.57
N SER A 585 30.23 -6.28 0.17
CA SER A 585 29.32 -7.14 0.93
C SER A 585 30.12 -7.82 2.02
N PRO A 586 29.55 -8.13 3.20
CA PRO A 586 28.23 -7.63 3.61
C PRO A 586 28.32 -6.23 4.20
N ASP A 587 27.27 -5.46 3.97
CA ASP A 587 27.08 -4.15 4.63
C ASP A 587 26.84 -4.42 6.13
N LYS A 588 27.80 -4.04 6.98
CA LYS A 588 27.76 -4.43 8.41
C LYS A 588 26.55 -3.79 9.12
N THR A 589 26.19 -2.57 8.75
CA THR A 589 25.04 -1.89 9.40
C THR A 589 23.78 -2.72 9.11
N LEU A 590 23.48 -2.97 7.85
CA LEU A 590 22.27 -3.74 7.49
C LEU A 590 22.34 -5.17 8.02
N ALA A 591 23.51 -5.81 8.02
CA ALA A 591 23.64 -7.15 8.61
C ALA A 591 23.33 -7.12 10.11
N SER A 592 23.85 -6.15 10.85
CA SER A 592 23.66 -5.97 12.31
C SER A 592 22.16 -5.77 12.61
N ILE A 593 21.44 -5.06 11.73
CA ILE A 593 19.97 -4.88 11.88
C ILE A 593 19.25 -6.19 11.62
N TYR A 594 19.62 -6.90 10.55
CA TYR A 594 18.99 -8.19 10.24
C TYR A 594 19.10 -9.12 11.45
N LEU A 595 20.26 -9.14 12.09
CA LEU A 595 20.42 -10.07 13.24
C LEU A 595 19.52 -9.60 14.39
N ALA A 596 19.45 -8.30 14.67
CA ALA A 596 18.61 -7.80 15.80
C ALA A 596 17.17 -8.18 15.52
N ILE A 597 16.71 -7.84 14.32
CA ILE A 597 15.27 -7.95 14.05
C ILE A 597 14.88 -9.43 14.00
N SER A 598 15.77 -10.32 13.58
CA SER A 598 15.42 -11.73 13.32
C SER A 598 15.74 -12.53 14.59
N ASP A 599 16.26 -11.86 15.63
CA ASP A 599 16.57 -12.48 16.93
C ASP A 599 17.68 -13.49 16.81
N LYS A 600 18.71 -13.15 16.04
CA LYS A 600 19.85 -14.04 15.81
C LYS A 600 21.01 -13.46 16.56
N THR A 601 21.85 -14.35 17.06
CA THR A 601 22.99 -14.01 17.96
C THR A 601 24.23 -13.69 17.14
N GLN A 602 25.20 -13.07 17.81
CA GLN A 602 26.54 -12.89 17.22
C GLN A 602 27.14 -14.24 16.78
N ASN A 603 26.87 -15.31 17.53
CA ASN A 603 27.45 -16.68 17.27
C ASN A 603 26.92 -17.19 15.92
N GLU A 604 25.67 -16.88 15.64
CA GLU A 604 24.99 -17.21 14.37
C GLU A 604 25.50 -16.36 13.20
N SER A 605 26.18 -15.24 13.39
CA SER A 605 26.48 -14.28 12.28
C SER A 605 27.45 -14.88 11.24
N THR A 606 28.48 -15.59 11.66
CA THR A 606 29.57 -16.07 10.76
C THR A 606 28.98 -16.91 9.64
N ALA A 607 28.11 -17.85 9.96
CA ALA A 607 27.54 -18.70 8.91
C ALA A 607 26.68 -17.87 7.95
N ILE A 608 26.07 -16.78 8.39
CA ILE A 608 25.02 -16.08 7.59
C ILE A 608 25.72 -15.09 6.64
N PHE A 609 26.71 -14.41 7.19
CA PHE A 609 27.32 -13.22 6.57
C PHE A 609 28.79 -13.48 6.22
N GLY A 610 29.39 -14.56 6.71
CA GLY A 610 30.77 -14.95 6.35
C GLY A 610 31.77 -14.25 7.24
N GLU A 611 31.30 -13.56 8.27
CA GLU A 611 32.17 -12.88 9.26
C GLU A 611 31.33 -12.59 10.51
N THR A 612 31.98 -12.38 11.66
CA THR A 612 31.30 -12.16 12.96
C THR A 612 30.75 -10.74 12.96
N ILE A 613 29.46 -10.63 13.17
CA ILE A 613 28.81 -9.29 13.30
C ILE A 613 27.98 -9.28 14.57
N THR A 614 28.09 -8.25 15.40
CA THR A 614 27.25 -8.09 16.61
C THR A 614 25.88 -7.59 16.20
N PRO A 615 24.79 -8.23 16.68
CA PRO A 615 23.43 -7.76 16.45
C PRO A 615 23.34 -6.29 16.87
N ALA A 616 22.71 -5.48 16.02
CA ALA A 616 22.59 -4.03 16.24
C ALA A 616 21.91 -3.79 17.59
N SER A 617 22.42 -2.86 18.36
CA SER A 617 21.68 -2.36 19.53
C SER A 617 20.61 -1.37 19.06
N LEU A 618 19.58 -1.16 19.88
CA LEU A 618 18.48 -0.26 19.44
C LEU A 618 19.10 1.11 19.19
N PRO A 619 18.67 1.84 18.15
CA PRO A 619 19.22 3.15 17.91
C PRO A 619 18.82 4.12 19.01
N GLN A 620 19.72 5.05 19.30
CA GLN A 620 19.63 6.03 20.39
C GLN A 620 19.71 7.44 19.78
N GLY A 621 18.94 8.40 20.29
CA GLY A 621 19.02 9.80 19.88
C GLY A 621 17.78 10.23 19.16
N PHE A 622 17.91 11.29 18.36
CA PHE A 622 16.75 11.95 17.76
C PHE A 622 16.95 11.99 16.24
N TYR A 623 15.88 11.66 15.55
CA TYR A 623 15.83 11.59 14.08
C TYR A 623 14.58 12.26 13.54
N ALA A 624 14.79 13.25 12.67
CA ALA A 624 13.71 14.06 12.05
C ALA A 624 13.28 13.43 10.72
N PHE A 625 11.97 13.25 10.53
CA PHE A 625 11.35 12.67 9.31
C PHE A 625 10.18 13.56 8.83
N ASN A 626 10.48 14.74 8.28
CA ASN A 626 9.43 15.73 7.91
C ASN A 626 8.63 15.22 6.70
N GLY A 627 9.12 14.25 5.97
CA GLY A 627 8.30 13.53 4.99
C GLY A 627 6.97 13.07 5.55
N GLY A 628 6.88 12.75 6.86
CA GLY A 628 5.56 12.55 7.50
C GLY A 628 5.30 13.51 8.66
N ALA A 629 6.01 14.65 8.70
CA ALA A 629 5.96 15.68 9.75
C ALA A 629 6.13 15.01 11.13
N PHE A 630 7.04 14.05 11.21
CA PHE A 630 7.33 13.33 12.46
C PHE A 630 8.80 13.38 12.82
N GLY A 631 9.02 12.91 14.06
CA GLY A 631 10.38 12.69 14.56
C GLY A 631 10.34 11.53 15.52
N ILE A 632 11.46 10.93 15.74
CA ILE A 632 11.60 9.76 16.63
C ILE A 632 12.64 10.09 17.66
N HIS A 633 12.31 9.95 18.93
CA HIS A 633 13.28 10.11 20.03
C HIS A 633 13.49 8.73 20.60
N ARG A 634 14.73 8.33 20.76
CA ARG A 634 15.02 6.97 21.26
C ARG A 634 15.96 7.07 22.45
N TRP A 635 15.65 6.31 23.49
CA TRP A 635 16.45 6.30 24.73
C TRP A 635 16.30 4.92 25.32
N GLN A 636 17.40 4.21 25.56
CA GLN A 636 17.34 2.79 26.03
C GLN A 636 16.43 1.98 25.09
N ASP A 637 15.40 1.30 25.56
CA ASP A 637 14.53 0.45 24.70
C ASP A 637 13.24 1.19 24.23
N LYS A 638 13.13 2.49 24.51
CA LYS A 638 11.92 3.26 24.15
C LYS A 638 12.14 4.10 22.90
N MET A 639 11.05 4.17 22.15
CA MET A 639 10.90 5.07 21.00
C MET A 639 9.71 5.99 21.30
N VAL A 640 9.84 7.26 20.97
CA VAL A 640 8.72 8.23 21.14
C VAL A 640 8.48 8.74 19.72
N THR A 641 7.30 8.48 19.17
CA THR A 641 6.90 9.02 17.86
C THR A 641 6.17 10.36 18.05
N LEU A 642 6.84 11.46 17.67
CA LEU A 642 6.32 12.84 17.71
C LEU A 642 5.75 13.10 16.33
N LYS A 643 4.47 13.39 16.26
CA LYS A 643 3.85 13.55 14.94
C LYS A 643 2.92 14.72 14.85
N ALA A 644 3.08 15.44 13.76
CA ALA A 644 2.24 16.57 13.38
C ALA A 644 1.68 16.33 11.95
N TYR A 645 1.12 17.38 11.38
CA TYR A 645 0.67 17.36 9.98
C TYR A 645 0.67 18.79 9.46
N ASN A 646 0.48 18.93 8.17
CA ASN A 646 0.59 20.26 7.53
C ASN A 646 -0.03 20.15 6.11
N THR A 647 0.12 21.17 5.28
CA THR A 647 -0.43 21.11 3.87
C THR A 647 0.07 19.89 3.10
N ASN A 648 1.31 19.46 3.31
CA ASN A 648 1.94 18.38 2.52
C ASN A 648 1.83 16.99 3.18
N VAL A 649 1.38 16.96 4.43
CA VAL A 649 1.30 15.72 5.24
C VAL A 649 -0.15 15.55 5.71
N TRP A 650 -0.86 14.57 5.17
CA TRP A 650 -2.24 14.35 5.67
C TRP A 650 -2.18 13.92 7.14
N SER A 651 -3.18 14.35 7.90
CA SER A 651 -3.30 14.00 9.31
C SER A 651 -3.54 12.50 9.47
N SER A 652 -4.40 11.95 8.61
CA SER A 652 -4.95 10.60 8.71
C SER A 652 -5.47 10.22 7.32
N GLU A 653 -5.44 8.92 7.09
CA GLU A 653 -6.16 8.30 5.98
C GLU A 653 -7.39 7.63 6.55
N ILE A 654 -8.56 8.12 6.15
CA ILE A 654 -9.87 7.58 6.60
C ILE A 654 -10.64 7.09 5.38
N TYR A 655 -11.03 5.83 5.37
CA TYR A 655 -11.79 5.28 4.22
C TYR A 655 -13.18 4.91 4.72
N ASN A 656 -14.02 4.47 3.79
CA ASN A 656 -15.39 4.03 4.08
C ASN A 656 -15.44 3.07 5.30
N LYS A 657 -14.54 2.09 5.35
CA LYS A 657 -14.46 1.14 6.48
C LYS A 657 -13.03 1.02 7.04
N ASP A 658 -12.35 2.16 7.23
CA ASP A 658 -11.01 2.17 7.86
C ASP A 658 -10.81 3.50 8.60
N ASN A 659 -10.32 3.39 9.82
CA ASN A 659 -9.74 4.53 10.57
C ASN A 659 -10.82 5.59 10.79
N ARG A 660 -12.07 5.18 10.98
CA ARG A 660 -13.21 6.14 11.02
C ARG A 660 -13.05 7.23 12.10
N TYR A 661 -12.40 6.92 13.23
CA TYR A 661 -12.18 7.82 14.38
C TYR A 661 -10.76 8.38 14.45
N GLY A 662 -10.06 8.33 13.33
CA GLY A 662 -8.64 8.71 13.28
C GLY A 662 -8.35 10.16 13.13
N ARG A 663 -9.28 11.06 13.42
CA ARG A 663 -9.09 12.51 13.20
C ARG A 663 -7.82 13.03 13.91
N TYR A 664 -7.46 12.51 15.09
CA TYR A 664 -6.43 13.09 15.97
C TYR A 664 -5.13 12.28 15.89
N GLN A 665 -5.01 11.42 14.90
CA GLN A 665 -3.83 10.54 14.70
C GLN A 665 -2.53 11.37 14.71
N SER A 666 -2.52 12.59 14.18
CA SER A 666 -1.32 13.43 13.98
C SER A 666 -1.43 14.76 14.76
N HIS A 667 -2.27 14.85 15.78
CA HIS A 667 -2.49 16.12 16.53
C HIS A 667 -1.36 16.45 17.54
N GLY A 668 -0.10 16.42 17.14
CA GLY A 668 1.01 16.74 18.07
C GLY A 668 1.20 15.58 19.04
N VAL A 669 0.95 14.38 18.54
CA VAL A 669 1.07 13.14 19.35
C VAL A 669 2.52 12.90 19.68
N ALA A 670 2.74 12.13 20.73
CA ALA A 670 4.05 11.71 21.27
C ALA A 670 3.88 10.32 21.87
N GLN A 671 3.63 9.34 21.02
CA GLN A 671 3.37 7.98 21.54
C GLN A 671 4.68 7.35 22.02
N ILE A 672 4.67 6.84 23.25
CA ILE A 672 5.85 6.13 23.82
C ILE A 672 5.69 4.61 23.67
N VAL A 673 6.68 3.96 23.06
CA VAL A 673 6.65 2.51 22.79
C VAL A 673 7.97 1.89 23.24
N SER A 674 7.89 0.93 24.16
CA SER A 674 9.08 0.15 24.53
C SER A 674 9.23 -1.00 23.56
N ASN A 675 10.44 -1.53 23.44
CA ASN A 675 10.72 -2.55 22.40
C ASN A 675 9.81 -3.74 22.68
N GLY A 676 8.97 -4.10 21.71
CA GLY A 676 8.07 -5.24 21.89
C GLY A 676 6.69 -4.92 21.38
N SER A 677 5.74 -5.80 21.70
CA SER A 677 4.34 -5.72 21.23
C SER A 677 3.73 -4.42 21.78
N GLN A 678 3.09 -3.60 20.96
CA GLN A 678 2.38 -2.39 21.50
C GLN A 678 1.10 -2.83 22.24
N LEU A 679 0.47 -3.92 21.79
CA LEU A 679 -0.71 -4.46 22.48
C LEU A 679 -0.31 -4.85 23.92
N SER A 680 0.84 -5.49 24.10
CA SER A 680 1.32 -5.92 25.44
C SER A 680 1.59 -4.69 26.35
N GLN A 681 1.77 -3.48 25.78
CA GLN A 681 1.97 -2.23 26.55
C GLN A 681 0.67 -1.46 26.74
N GLY A 682 -0.47 -2.05 26.38
CA GLY A 682 -1.76 -1.47 26.70
C GLY A 682 -2.32 -0.66 25.55
N TYR A 683 -1.71 -0.70 24.37
CA TYR A 683 -2.30 -0.03 23.18
C TYR A 683 -3.33 -1.01 22.60
N GLN A 684 -4.50 -1.01 23.23
CA GLN A 684 -5.61 -1.99 22.99
C GLN A 684 -6.72 -1.23 22.32
N GLN A 685 -7.19 -1.70 21.17
CA GLN A 685 -8.23 -0.99 20.39
C GLN A 685 -9.57 -1.04 21.15
N GLU A 686 -9.89 -2.18 21.77
CA GLU A 686 -11.17 -2.34 22.51
C GLU A 686 -11.26 -1.36 23.67
N GLY A 687 -12.26 -0.49 23.66
CA GLY A 687 -12.47 0.54 24.69
C GLY A 687 -11.56 1.77 24.58
N TRP A 688 -10.68 1.80 23.59
CA TRP A 688 -9.74 2.92 23.36
C TRP A 688 -10.52 4.21 23.15
N ASP A 689 -10.22 5.24 23.91
CA ASP A 689 -10.85 6.55 23.67
C ASP A 689 -10.07 7.28 22.56
N TRP A 690 -10.63 7.33 21.35
CA TRP A 690 -10.02 7.89 20.12
C TRP A 690 -9.74 9.39 20.27
N ASN A 691 -10.41 10.06 21.22
CA ASN A 691 -10.12 11.48 21.59
C ASN A 691 -8.73 11.65 22.21
N ARG A 692 -8.27 10.64 22.93
CA ARG A 692 -7.12 10.71 23.85
C ARG A 692 -5.94 9.97 23.26
N MET A 693 -5.45 10.47 22.15
CA MET A 693 -4.19 9.94 21.57
C MET A 693 -3.07 10.59 22.40
N GLN A 694 -2.09 9.81 22.81
CA GLN A 694 -1.04 10.29 23.74
C GLN A 694 -0.36 11.52 23.09
N GLY A 695 -0.24 12.59 23.88
CA GLY A 695 0.42 13.88 23.57
C GLY A 695 -0.50 14.87 22.84
N ALA A 696 -1.59 14.42 22.20
CA ALA A 696 -2.49 15.27 21.39
C ALA A 696 -3.23 16.29 22.24
N THR A 697 -3.47 17.46 21.66
CA THR A 697 -4.52 18.40 22.12
C THR A 697 -5.73 18.22 21.20
N THR A 698 -6.88 17.93 21.79
CA THR A 698 -8.05 17.51 21.01
C THR A 698 -9.30 18.12 21.64
N ILE A 699 -10.38 18.10 20.89
CA ILE A 699 -11.73 18.31 21.46
C ILE A 699 -12.30 16.93 21.73
N HIS A 700 -12.69 16.69 22.99
CA HIS A 700 -13.35 15.40 23.31
C HIS A 700 -14.76 15.40 22.74
N LEU A 701 -15.02 14.57 21.78
CA LEU A 701 -16.27 14.50 21.04
C LEU A 701 -16.91 13.14 21.24
N PRO A 702 -18.25 13.11 21.18
CA PRO A 702 -18.93 11.83 20.97
C PRO A 702 -18.44 11.20 19.66
N LEU A 703 -18.40 9.88 19.57
CA LEU A 703 -17.86 9.23 18.34
C LEU A 703 -18.71 9.57 17.10
N LYS A 704 -20.00 9.85 17.23
CA LYS A 704 -20.78 10.21 16.01
C LYS A 704 -20.24 11.53 15.44
N ASP A 705 -19.66 12.38 16.27
CA ASP A 705 -19.11 13.68 15.81
C ASP A 705 -17.61 13.58 15.47
N LEU A 706 -16.87 12.71 16.13
CA LEU A 706 -15.44 12.48 15.82
C LEU A 706 -15.29 11.72 14.48
N ASP A 707 -16.26 10.86 14.14
CA ASP A 707 -16.29 10.11 12.88
C ASP A 707 -15.98 11.14 11.77
N SER A 708 -15.23 10.76 10.77
CA SER A 708 -15.01 11.58 9.56
C SER A 708 -16.36 12.00 8.98
N PRO A 709 -16.52 13.27 8.57
CA PRO A 709 -17.78 13.69 7.96
C PRO A 709 -17.94 13.21 6.50
N LYS A 710 -16.95 12.55 5.92
CA LYS A 710 -17.10 11.96 4.57
C LYS A 710 -17.41 10.48 4.71
N PRO A 711 -18.46 10.01 4.03
CA PRO A 711 -18.83 8.61 4.08
C PRO A 711 -17.74 7.69 3.50
N HIS A 712 -16.94 8.19 2.56
CA HIS A 712 -15.90 7.37 1.92
C HIS A 712 -14.55 7.92 2.40
N THR A 713 -13.79 8.61 1.55
CA THR A 713 -12.36 8.86 1.83
C THR A 713 -12.19 10.29 2.32
N LEU A 714 -11.42 10.47 3.37
CA LEU A 714 -10.93 11.82 3.79
C LEU A 714 -9.48 11.68 4.21
N MET A 715 -8.61 12.50 3.63
CA MET A 715 -7.19 12.57 4.00
C MET A 715 -6.88 14.04 4.33
N GLN A 716 -7.27 14.47 5.54
CA GLN A 716 -7.34 15.89 5.93
C GLN A 716 -5.92 16.43 6.01
N ARG A 717 -5.61 17.38 5.15
CA ARG A 717 -4.31 18.07 5.18
C ARG A 717 -4.44 19.31 6.03
N GLY A 718 -3.31 19.79 6.53
CA GLY A 718 -3.30 21.00 7.37
C GLY A 718 -3.36 22.29 6.58
N GLU A 719 -3.38 23.38 7.33
CA GLU A 719 -3.75 24.73 6.87
C GLU A 719 -2.49 25.54 6.55
N ARG A 720 -1.27 25.05 6.87
CA ARG A 720 -0.04 25.79 6.50
C ARG A 720 1.05 24.77 6.23
N GLY A 721 2.11 25.17 5.52
CA GLY A 721 3.26 24.28 5.26
C GLY A 721 4.04 23.87 6.52
N PHE A 722 4.10 24.74 7.52
CA PHE A 722 5.03 24.62 8.67
C PHE A 722 4.37 23.80 9.79
N SER A 723 4.92 22.64 10.05
CA SER A 723 4.76 21.82 11.29
C SER A 723 5.63 20.59 11.07
N GLY A 724 6.30 20.15 12.12
CA GLY A 724 7.14 18.95 12.03
C GLY A 724 8.22 19.00 13.09
N THR A 725 9.38 18.45 12.78
CA THR A 725 10.47 18.27 13.75
C THR A 725 11.81 18.71 13.18
N SER A 726 12.77 18.79 14.09
CA SER A 726 14.18 19.01 13.73
C SER A 726 15.05 18.31 14.74
N SER A 727 16.34 18.28 14.46
CA SER A 727 17.32 17.50 15.28
C SER A 727 18.61 18.30 15.39
N LEU A 728 19.38 17.93 16.39
CA LEU A 728 20.66 18.54 16.79
C LEU A 728 21.56 17.38 17.20
N GLU A 729 22.71 17.27 16.56
CA GLU A 729 23.81 16.34 16.91
C GLU A 729 23.38 14.86 16.84
N GLY A 730 22.24 14.58 16.22
CA GLY A 730 21.62 13.24 16.18
C GLY A 730 21.12 12.78 17.52
N GLN A 731 21.04 13.67 18.51
CA GLN A 731 20.74 13.27 19.90
C GLN A 731 19.47 13.98 20.40
N TYR A 732 19.23 15.21 19.96
CA TYR A 732 18.19 16.10 20.54
C TYR A 732 17.21 16.44 19.43
N GLY A 733 15.95 16.66 19.83
CA GLY A 733 14.88 16.93 18.89
C GLY A 733 13.92 17.97 19.37
N MET A 734 13.25 18.59 18.41
CA MET A 734 12.13 19.47 18.77
C MET A 734 10.96 19.24 17.79
N MET A 735 9.74 19.18 18.31
CA MET A 735 8.56 19.25 17.45
C MET A 735 7.96 20.64 17.59
N ALA A 736 7.51 21.17 16.46
CA ALA A 736 6.68 22.39 16.38
C ALA A 736 5.39 22.06 15.65
N PHE A 737 4.24 22.21 16.31
CA PHE A 737 2.93 21.83 15.72
C PHE A 737 2.00 23.03 15.87
N ASP A 738 1.60 23.58 14.71
CA ASP A 738 0.63 24.67 14.67
C ASP A 738 -0.73 24.02 14.36
N LEU A 739 -1.59 23.91 15.38
CA LEU A 739 -2.89 23.23 15.26
C LEU A 739 -3.89 24.26 14.72
N ILE A 740 -4.26 24.11 13.44
CA ILE A 740 -5.16 25.03 12.69
C ILE A 740 -6.20 24.18 11.99
N TYR A 741 -7.47 24.51 12.16
CA TYR A 741 -8.57 23.72 11.56
C TYR A 741 -9.10 24.46 10.32
N PRO A 742 -9.79 23.73 9.45
CA PRO A 742 -10.39 24.30 8.24
C PRO A 742 -11.48 25.31 8.60
N ALA A 743 -11.62 26.33 7.77
CA ALA A 743 -12.65 27.37 7.90
C ALA A 743 -14.01 26.71 7.83
N ASN A 744 -14.26 25.65 7.08
CA ASN A 744 -15.67 25.23 6.98
C ASN A 744 -15.72 23.77 6.57
N LEU A 745 -15.35 22.87 7.47
CA LEU A 745 -15.53 21.42 7.27
C LEU A 745 -16.44 20.95 8.40
N GLU A 746 -17.49 20.22 8.03
CA GLU A 746 -18.50 19.73 9.00
C GLU A 746 -17.78 18.92 10.11
N ARG A 747 -18.12 19.20 11.37
CA ARG A 747 -17.66 18.50 12.59
C ARG A 747 -16.30 19.01 13.03
N PHE A 748 -15.67 19.92 12.25
CA PHE A 748 -14.36 20.53 12.61
C PHE A 748 -14.62 21.93 13.11
N ASP A 749 -14.35 22.20 14.40
CA ASP A 749 -14.47 23.56 14.98
C ASP A 749 -13.49 24.53 14.32
N PRO A 750 -13.97 25.53 13.51
CA PRO A 750 -13.04 26.33 12.74
C PRO A 750 -12.13 27.16 13.63
N ASN A 751 -12.49 27.35 14.90
CA ASN A 751 -11.71 28.19 15.84
C ASN A 751 -10.86 27.34 16.77
N PHE A 752 -10.78 26.02 16.57
CA PHE A 752 -9.90 25.17 17.43
C PHE A 752 -8.46 25.47 17.01
N THR A 753 -7.62 25.88 17.95
CA THR A 753 -6.22 26.25 17.69
C THR A 753 -5.34 25.81 18.87
N ALA A 754 -4.02 25.68 18.61
CA ALA A 754 -3.00 25.43 19.64
C ALA A 754 -1.65 25.55 18.95
N LYS A 755 -0.67 25.97 19.74
CA LYS A 755 0.77 25.94 19.44
C LYS A 755 1.36 24.92 20.41
N LYS A 756 2.00 23.88 19.89
CA LYS A 756 2.43 22.73 20.71
C LYS A 756 3.85 22.41 20.32
N SER A 757 4.75 22.47 21.28
CA SER A 757 6.20 22.23 21.06
C SER A 757 6.66 21.14 22.00
N VAL A 758 7.68 20.40 21.59
CA VAL A 758 8.27 19.34 22.43
C VAL A 758 9.77 19.45 22.20
N LEU A 759 10.54 19.47 23.29
CA LEU A 759 12.00 19.28 23.22
C LEU A 759 12.40 17.94 23.84
N ALA A 760 13.14 17.13 23.10
CA ALA A 760 13.46 15.73 23.49
C ALA A 760 14.97 15.59 23.62
N ALA A 761 15.45 15.12 24.78
CA ALA A 761 16.88 14.95 25.03
C ALA A 761 17.07 13.86 26.06
N ASP A 762 17.94 12.89 25.73
CA ASP A 762 18.32 11.80 26.65
C ASP A 762 17.03 11.14 27.17
N ASN A 763 16.88 10.99 28.49
CA ASN A 763 15.77 10.23 29.12
C ASN A 763 14.48 11.08 29.21
N HIS A 764 14.40 12.27 28.62
CA HIS A 764 13.26 13.17 28.90
C HIS A 764 12.75 13.96 27.71
N LEU A 765 11.51 14.47 27.88
CA LEU A 765 10.85 15.34 26.90
C LEU A 765 10.06 16.39 27.67
N ILE A 766 10.19 17.62 27.21
CA ILE A 766 9.51 18.82 27.75
C ILE A 766 8.38 19.16 26.78
N PHE A 767 7.16 19.18 27.26
CA PHE A 767 5.97 19.45 26.40
C PHE A 767 5.40 20.81 26.80
N ILE A 768 5.23 21.73 25.85
CA ILE A 768 4.56 23.01 26.21
C ILE A 768 3.53 23.33 25.13
N GLY A 769 2.51 24.06 25.53
CA GLY A 769 1.39 24.42 24.64
C GLY A 769 0.94 25.82 25.01
N SER A 770 0.49 26.55 24.03
CA SER A 770 -0.01 27.93 24.24
C SER A 770 -1.09 28.20 23.22
N ASN A 771 -1.83 29.28 23.45
CA ASN A 771 -2.72 29.85 22.42
C ASN A 771 -3.76 28.78 22.09
N ILE A 772 -4.18 28.01 23.09
CA ILE A 772 -5.24 26.99 22.90
C ILE A 772 -6.60 27.67 22.99
N ASN A 773 -7.44 27.44 22.01
CA ASN A 773 -8.76 28.08 21.84
C ASN A 773 -9.70 27.12 21.15
N SER A 774 -10.97 27.42 21.26
CA SER A 774 -12.05 26.78 20.51
C SER A 774 -13.21 27.78 20.35
N SER A 775 -14.30 27.34 19.73
CA SER A 775 -15.50 28.19 19.57
C SER A 775 -16.26 28.33 20.90
N ASP A 776 -16.04 27.40 21.82
CA ASP A 776 -16.85 27.26 23.05
C ASP A 776 -15.96 27.33 24.31
N LYS A 777 -15.04 28.30 24.38
CA LYS A 777 -14.25 28.64 25.61
C LYS A 777 -13.55 27.39 26.13
N ASN A 778 -13.05 26.57 25.19
CA ASN A 778 -12.17 25.43 25.53
C ASN A 778 -12.96 24.36 26.28
N LYS A 779 -14.29 24.35 26.11
CA LYS A 779 -15.12 23.26 26.64
C LYS A 779 -14.66 21.95 25.97
N ASN A 780 -14.44 20.91 26.78
CA ASN A 780 -14.02 19.58 26.28
C ASN A 780 -12.68 19.67 25.56
N VAL A 781 -11.90 20.73 25.71
CA VAL A 781 -10.57 20.73 25.03
C VAL A 781 -9.59 20.12 26.02
N GLU A 782 -8.75 19.18 25.59
CA GLU A 782 -7.93 18.33 26.49
C GLU A 782 -6.57 18.02 25.88
N THR A 783 -5.51 17.95 26.67
CA THR A 783 -4.20 17.40 26.22
C THR A 783 -3.96 16.07 26.95
N THR A 784 -3.78 14.99 26.20
CA THR A 784 -3.63 13.65 26.80
C THR A 784 -2.15 13.45 27.18
N LEU A 785 -1.90 13.15 28.46
CA LEU A 785 -0.55 12.73 28.91
C LEU A 785 -0.31 11.28 28.50
N PHE A 786 -1.26 10.38 28.73
CA PHE A 786 -1.15 8.95 28.33
C PHE A 786 -2.55 8.32 28.37
N GLN A 787 -2.67 7.19 27.73
CA GLN A 787 -3.82 6.26 27.85
C GLN A 787 -3.25 4.87 27.59
N HIS A 788 -3.54 3.89 28.46
CA HIS A 788 -3.21 2.48 28.13
C HIS A 788 -4.16 1.61 28.89
N ALA A 789 -4.33 0.39 28.38
CA ALA A 789 -5.26 -0.58 28.94
C ALA A 789 -4.74 -1.00 30.32
N ILE A 790 -5.66 -1.41 31.18
CA ILE A 790 -5.34 -2.02 32.49
C ILE A 790 -5.40 -3.53 32.29
N THR A 791 -4.30 -4.20 32.62
CA THR A 791 -4.18 -5.68 32.59
C THR A 791 -3.43 -6.10 33.86
N PRO A 792 -3.41 -7.42 34.21
CA PRO A 792 -2.59 -7.87 35.34
C PRO A 792 -1.12 -7.47 35.28
N THR A 793 -0.51 -7.38 34.10
CA THR A 793 0.86 -6.87 33.92
C THR A 793 0.88 -5.33 33.87
N LEU A 794 -0.23 -4.65 33.58
CA LEU A 794 -0.26 -3.19 33.48
C LEU A 794 -1.27 -2.71 34.51
N ASN A 795 -1.00 -2.99 35.78
CA ASN A 795 -2.05 -2.79 36.81
C ASN A 795 -1.76 -1.57 37.69
N THR A 796 -0.52 -1.04 37.71
CA THR A 796 -0.09 -0.01 38.71
C THR A 796 0.06 1.37 38.06
N LEU A 797 -0.48 2.40 38.71
CA LEU A 797 -0.09 3.81 38.52
C LEU A 797 0.57 4.31 39.81
N TRP A 798 1.52 5.21 39.69
CA TRP A 798 2.02 5.97 40.85
C TRP A 798 1.50 7.40 40.68
N ILE A 799 1.01 7.97 41.76
CA ILE A 799 0.74 9.43 41.86
C ILE A 799 1.40 9.96 43.13
N ASN A 800 2.39 10.84 43.02
CA ASN A 800 2.98 11.51 44.20
C ASN A 800 3.40 10.45 45.20
N GLY A 801 4.13 9.42 44.72
CA GLY A 801 4.73 8.36 45.53
C GLY A 801 3.74 7.35 46.06
N GLN A 802 2.46 7.45 45.69
CA GLN A 802 1.45 6.49 46.19
C GLN A 802 1.07 5.54 45.06
N LYS A 803 0.95 4.27 45.38
CA LYS A 803 0.62 3.23 44.40
C LYS A 803 -0.90 3.22 44.25
N ILE A 804 -1.40 3.36 43.04
CA ILE A 804 -2.87 3.31 42.79
C ILE A 804 -3.17 2.10 41.90
N GLU A 805 -4.00 1.20 42.39
CA GLU A 805 -4.44 0.00 41.66
C GLU A 805 -5.98 -0.17 41.65
N ASN A 806 -6.76 0.66 42.34
CA ASN A 806 -8.24 0.46 42.39
C ASN A 806 -8.78 0.75 41.00
N MET A 807 -9.83 0.05 40.59
CA MET A 807 -10.60 0.35 39.36
C MET A 807 -12.06 0.31 39.77
N PRO A 808 -12.86 1.38 39.73
CA PRO A 808 -12.49 2.65 39.09
C PRO A 808 -11.73 3.58 40.06
N TYR A 809 -11.16 4.64 39.53
CA TYR A 809 -10.41 5.63 40.34
C TYR A 809 -10.40 6.96 39.58
N GLN A 810 -10.69 8.08 40.22
CA GLN A 810 -10.47 9.42 39.60
C GLN A 810 -9.81 10.33 40.66
N THR A 811 -8.97 11.23 40.18
CA THR A 811 -8.36 12.31 40.98
C THR A 811 -7.98 13.42 40.02
N THR A 812 -7.64 14.55 40.61
CA THR A 812 -7.28 15.77 39.88
C THR A 812 -5.96 16.20 40.46
N LEU A 813 -5.04 16.51 39.60
CA LEU A 813 -3.71 16.93 40.01
C LEU A 813 -3.49 18.35 39.47
N GLN A 814 -2.35 18.91 39.86
CA GLN A 814 -1.97 20.28 39.47
C GLN A 814 -0.44 20.39 39.49
N GLN A 815 0.02 21.63 39.31
CA GLN A 815 1.45 21.93 39.11
C GLN A 815 2.19 21.34 40.32
N GLY A 816 3.30 20.68 40.06
CA GLY A 816 4.19 20.06 41.05
C GLY A 816 3.78 18.63 41.41
N ASP A 817 2.62 18.17 40.96
CA ASP A 817 2.26 16.73 41.08
C ASP A 817 2.92 15.91 39.98
N TRP A 818 3.04 14.60 40.24
CA TRP A 818 3.58 13.64 39.27
C TRP A 818 2.89 12.29 39.30
N LEU A 819 3.02 11.59 38.18
CA LEU A 819 2.45 10.24 37.96
C LEU A 819 3.49 9.38 37.24
N ILE A 820 3.34 8.08 37.33
CA ILE A 820 4.04 7.09 36.49
C ILE A 820 2.94 6.14 35.97
N ASP A 821 2.90 5.93 34.69
CA ASP A 821 2.00 4.95 34.07
C ASP A 821 2.62 3.55 34.26
N SER A 822 1.92 2.53 33.80
CA SER A 822 2.32 1.12 34.02
C SER A 822 3.47 0.75 33.11
N ASN A 823 3.82 1.57 32.12
CA ASN A 823 4.95 1.34 31.17
C ASN A 823 6.23 2.05 31.65
N GLY A 824 6.23 2.60 32.86
CA GLY A 824 7.41 3.23 33.48
C GLY A 824 7.71 4.63 32.93
N ASN A 825 6.72 5.32 32.36
CA ASN A 825 6.89 6.73 31.96
C ASN A 825 6.38 7.60 33.11
N GLY A 826 7.21 8.55 33.52
CA GLY A 826 6.83 9.55 34.53
C GLY A 826 6.46 10.86 33.92
N TYR A 827 5.47 11.48 34.49
CA TYR A 827 4.90 12.76 34.02
C TYR A 827 4.93 13.71 35.19
N LEU A 828 5.73 14.75 35.08
CA LEU A 828 5.75 15.83 36.09
C LEU A 828 4.95 17.02 35.57
N ILE A 829 3.91 17.42 36.29
CA ILE A 829 3.05 18.57 35.89
C ILE A 829 3.78 19.85 36.30
N THR A 830 4.18 20.67 35.33
CA THR A 830 5.01 21.85 35.64
C THR A 830 4.20 23.14 35.41
N GLN A 831 3.11 23.09 34.65
CA GLN A 831 2.14 24.19 34.43
C GLN A 831 0.80 23.63 33.90
N ALA A 832 -0.18 23.66 34.80
CA ALA A 832 -1.57 23.24 34.46
C ALA A 832 -2.40 23.50 35.70
N GLU A 833 -3.59 23.97 35.52
CA GLU A 833 -4.50 24.15 36.69
C GLU A 833 -5.11 22.78 36.96
N LYS A 834 -5.39 22.01 35.88
CA LYS A 834 -6.28 20.84 36.12
C LYS A 834 -5.85 19.68 35.23
N VAL A 835 -5.31 18.68 35.90
CA VAL A 835 -4.97 17.38 35.27
C VAL A 835 -5.88 16.32 35.89
N ASN A 836 -6.70 15.68 35.07
CA ASN A 836 -7.57 14.56 35.49
C ASN A 836 -6.81 13.24 35.31
N VAL A 837 -6.93 12.33 36.28
CA VAL A 837 -6.39 10.94 36.19
C VAL A 837 -7.59 10.01 36.36
N SER A 838 -7.68 9.00 35.51
CA SER A 838 -8.83 8.10 35.53
C SER A 838 -8.40 6.65 35.31
N ARG A 839 -8.90 5.75 36.15
CA ARG A 839 -8.88 4.31 35.87
C ARG A 839 -10.38 3.93 35.75
N GLN A 840 -10.80 3.49 34.59
CA GLN A 840 -12.24 3.42 34.27
C GLN A 840 -12.52 2.44 33.14
N HIS A 841 -13.71 1.89 33.21
CA HIS A 841 -14.31 1.11 32.12
C HIS A 841 -14.66 2.12 31.03
N GLN A 842 -14.23 1.85 29.82
CA GLN A 842 -14.49 2.74 28.65
C GLN A 842 -15.30 1.97 27.61
N VAL A 843 -16.22 2.65 26.96
CA VAL A 843 -16.89 2.11 25.77
C VAL A 843 -16.42 2.90 24.54
N SER A 844 -16.10 2.21 23.47
CA SER A 844 -15.56 2.83 22.26
C SER A 844 -16.22 2.12 21.08
N ALA A 845 -15.60 2.23 19.91
CA ALA A 845 -16.05 1.55 18.70
C ALA A 845 -14.82 1.30 17.84
N GLU A 846 -14.82 0.16 17.17
CA GLU A 846 -13.65 -0.24 16.36
C GLU A 846 -13.71 0.49 15.01
N ASN A 847 -12.52 0.67 14.45
CA ASN A 847 -12.24 1.71 13.44
C ASN A 847 -12.75 1.29 12.06
N LYS A 848 -13.08 0.03 11.85
CA LYS A 848 -13.47 -0.44 10.49
C LYS A 848 -14.98 -0.33 10.32
N ASN A 849 -15.75 -0.95 11.22
CA ASN A 849 -17.23 -1.02 11.07
C ASN A 849 -17.98 -0.33 12.21
N ARG A 850 -17.28 0.45 13.04
CA ARG A 850 -17.89 1.26 14.13
C ARG A 850 -18.67 0.37 15.13
N GLN A 851 -18.36 -0.89 15.24
CA GLN A 851 -19.10 -1.80 16.15
C GLN A 851 -18.57 -1.55 17.59
N PRO A 852 -19.45 -1.65 18.60
CA PRO A 852 -19.07 -1.26 19.95
C PRO A 852 -17.95 -2.14 20.50
N THR A 853 -17.08 -1.54 21.31
CA THR A 853 -16.00 -2.23 22.04
C THR A 853 -15.98 -1.72 23.47
N GLU A 854 -15.27 -2.42 24.33
CA GLU A 854 -15.16 -1.92 25.73
C GLU A 854 -13.84 -2.47 26.31
N GLY A 855 -13.31 -1.75 27.29
CA GLY A 855 -12.11 -2.12 28.02
C GLY A 855 -11.85 -1.18 29.18
N ASN A 856 -10.89 -1.56 30.01
CA ASN A 856 -10.50 -0.83 31.23
C ASN A 856 -9.20 -0.12 30.91
N PHE A 857 -9.14 1.16 31.22
CA PHE A 857 -7.99 2.00 30.86
C PHE A 857 -7.57 2.89 32.02
N SER A 858 -6.28 3.13 32.05
CA SER A 858 -5.59 4.16 32.85
C SER A 858 -5.28 5.31 31.90
N SER A 859 -5.60 6.51 32.31
CA SER A 859 -5.32 7.70 31.46
C SER A 859 -5.12 8.93 32.32
N ALA A 860 -4.56 9.98 31.73
CA ALA A 860 -4.51 11.29 32.37
C ALA A 860 -4.46 12.35 31.27
N TRP A 861 -5.14 13.45 31.50
CA TRP A 861 -5.27 14.53 30.50
C TRP A 861 -5.41 15.87 31.25
N ILE A 862 -4.93 16.92 30.59
CA ILE A 862 -5.14 18.30 31.08
C ILE A 862 -6.52 18.78 30.59
N ASP A 863 -7.31 19.31 31.53
CA ASP A 863 -8.57 20.00 31.22
C ASP A 863 -8.31 21.49 30.96
N HIS A 864 -8.38 21.90 29.69
CA HIS A 864 -8.15 23.32 29.32
C HIS A 864 -9.40 24.20 29.56
N SER A 865 -10.57 23.66 29.90
CA SER A 865 -11.83 24.46 30.08
C SER A 865 -11.66 25.47 31.22
N THR A 866 -10.64 25.34 32.05
CA THR A 866 -10.39 26.27 33.17
C THR A 866 -9.80 27.60 32.67
N ARG A 867 -9.37 27.68 31.41
CA ARG A 867 -8.80 28.89 30.80
C ARG A 867 -9.58 29.13 29.52
N PRO A 868 -10.68 29.92 29.56
CA PRO A 868 -11.57 30.12 28.42
C PRO A 868 -10.88 30.60 27.14
N LYS A 869 -9.76 31.32 27.29
CA LYS A 869 -9.08 31.91 26.14
C LYS A 869 -7.58 31.65 26.30
N ASP A 870 -6.93 31.23 25.22
CA ASP A 870 -5.44 31.08 25.18
C ASP A 870 -5.00 30.22 26.36
N ALA A 871 -5.61 29.05 26.49
CA ALA A 871 -5.15 28.02 27.46
C ALA A 871 -3.72 27.57 27.10
N SER A 872 -3.06 26.96 28.07
CA SER A 872 -1.62 26.64 27.94
C SER A 872 -1.37 25.41 28.81
N TYR A 873 -0.22 24.76 28.64
CA TYR A 873 0.27 23.70 29.54
C TYR A 873 1.78 23.65 29.44
N GLU A 874 2.36 23.01 30.45
CA GLU A 874 3.75 22.49 30.42
C GLU A 874 3.77 21.20 31.22
N TYR A 875 4.51 20.20 30.76
CA TYR A 875 4.78 19.00 31.57
C TYR A 875 6.05 18.35 31.02
N MET A 876 6.61 17.45 31.82
CA MET A 876 7.88 16.80 31.50
C MET A 876 7.68 15.29 31.66
N VAL A 877 8.21 14.51 30.69
CA VAL A 877 8.20 13.04 30.70
C VAL A 877 9.61 12.52 30.92
N PHE A 878 9.73 11.61 31.87
CA PHE A 878 10.94 10.80 32.13
C PHE A 878 10.70 9.38 31.62
N LEU A 879 11.53 8.91 30.71
CA LEU A 879 11.36 7.57 30.06
C LEU A 879 11.84 6.43 30.96
N ASP A 880 12.58 6.74 31.99
CA ASP A 880 13.17 5.75 32.90
C ASP A 880 12.69 6.03 34.33
N ALA A 881 11.48 6.51 34.48
CA ALA A 881 10.95 6.93 35.78
C ALA A 881 10.86 5.76 36.77
N THR A 882 11.16 6.07 38.01
CA THR A 882 10.89 5.26 39.21
C THR A 882 10.36 6.26 40.23
N PRO A 883 9.63 5.80 41.26
CA PRO A 883 9.06 6.72 42.25
C PRO A 883 10.19 7.55 42.89
N GLU A 884 11.36 6.94 43.12
CA GLU A 884 12.53 7.64 43.71
C GLU A 884 13.05 8.70 42.74
N LYS A 885 13.25 8.39 41.47
CA LYS A 885 13.73 9.41 40.51
C LYS A 885 12.69 10.53 40.32
N MET A 886 11.39 10.24 40.37
CA MET A 886 10.34 11.30 40.13
C MET A 886 10.29 12.21 41.36
N GLY A 887 10.44 11.67 42.58
CA GLY A 887 10.68 12.49 43.79
C GLY A 887 11.89 13.44 43.64
N GLU A 888 12.99 12.99 43.09
CA GLU A 888 14.18 13.82 42.81
C GLU A 888 13.83 14.88 41.74
N MET A 889 13.17 14.51 40.65
CA MET A 889 12.87 15.49 39.58
C MET A 889 11.90 16.54 40.13
N ALA A 890 10.91 16.14 40.94
CA ALA A 890 9.94 17.09 41.53
C ALA A 890 10.70 18.08 42.45
N GLN A 891 11.68 17.59 43.18
CA GLN A 891 12.45 18.47 44.09
C GLN A 891 13.24 19.51 43.26
N LYS A 892 13.92 19.08 42.19
CA LYS A 892 14.67 19.98 41.25
C LYS A 892 13.70 20.98 40.61
N PHE A 893 12.46 20.59 40.30
CA PHE A 893 11.43 21.52 39.80
C PHE A 893 11.07 22.56 40.85
N ARG A 894 10.95 22.15 42.11
CA ARG A 894 10.61 23.13 43.17
C ARG A 894 11.78 24.09 43.44
N GLU A 895 13.01 23.74 43.07
CA GLU A 895 14.20 24.62 43.25
C GLU A 895 14.31 25.64 42.11
N ASN A 896 13.37 26.59 42.01
CA ASN A 896 13.32 27.59 40.91
C ASN A 896 13.39 26.90 39.52
N ASN A 897 12.70 25.78 39.36
CA ASN A 897 12.73 24.94 38.15
C ASN A 897 14.17 24.74 37.63
N GLY A 898 14.88 23.86 38.30
CA GLY A 898 16.20 23.37 37.84
C GLY A 898 16.11 22.47 36.61
N LEU A 899 14.91 22.12 36.13
CA LEU A 899 14.79 21.21 35.01
C LEU A 899 14.88 21.93 33.67
N TYR A 900 14.15 23.02 33.51
CA TYR A 900 14.11 23.70 32.18
C TYR A 900 13.63 25.13 32.41
N GLN A 901 13.67 25.94 31.35
CA GLN A 901 13.03 27.27 31.40
C GLN A 901 12.40 27.54 30.04
N VAL A 902 11.17 28.00 30.06
CA VAL A 902 10.53 28.51 28.83
C VAL A 902 10.94 29.97 28.70
N LEU A 903 11.70 30.30 27.66
CA LEU A 903 12.19 31.70 27.43
C LEU A 903 11.16 32.50 26.62
N ARG A 904 10.31 31.83 25.86
CA ARG A 904 9.21 32.49 25.15
C ARG A 904 8.13 31.44 24.90
N LYS A 905 6.87 31.88 24.95
CA LYS A 905 5.73 30.98 24.69
C LYS A 905 4.55 31.76 24.15
N ASP A 906 4.57 32.13 22.87
CA ASP A 906 3.50 32.96 22.28
C ASP A 906 3.26 32.45 20.86
N LYS A 907 2.45 33.15 20.10
CA LYS A 907 2.00 32.65 18.78
C LYS A 907 3.15 32.79 17.78
N ASP A 908 4.18 33.59 18.08
CA ASP A 908 5.32 33.76 17.16
C ASP A 908 6.44 32.74 17.44
N VAL A 909 6.82 32.51 18.71
CA VAL A 909 8.00 31.67 19.00
C VAL A 909 7.73 30.90 20.29
N HIS A 910 8.17 29.65 20.33
CA HIS A 910 8.36 28.88 21.59
C HIS A 910 9.84 28.62 21.77
N ILE A 911 10.36 28.97 22.92
CA ILE A 911 11.80 28.73 23.24
C ILE A 911 11.92 27.95 24.53
N ILE A 912 12.55 26.78 24.46
CA ILE A 912 12.68 25.89 25.64
C ILE A 912 14.15 25.65 25.90
N LEU A 913 14.63 26.08 27.05
CA LEU A 913 15.98 25.73 27.49
C LEU A 913 15.82 24.48 28.38
N ASP A 914 16.44 23.38 27.94
CA ASP A 914 16.54 22.14 28.75
C ASP A 914 17.78 22.22 29.61
N LYS A 915 17.63 22.39 30.92
CA LYS A 915 18.81 22.55 31.84
C LYS A 915 19.42 21.20 32.20
N LEU A 916 18.74 20.09 31.96
CA LEU A 916 19.36 18.76 32.13
C LEU A 916 20.38 18.50 31.02
N SER A 917 20.10 18.87 29.77
CA SER A 917 20.94 18.55 28.59
C SER A 917 21.76 19.76 28.19
N ASN A 918 21.33 20.93 28.64
CA ASN A 918 21.95 22.19 28.21
C ASN A 918 21.72 22.46 26.72
N VAL A 919 20.52 22.18 26.23
CA VAL A 919 20.13 22.40 24.81
C VAL A 919 18.97 23.38 24.77
N THR A 920 18.92 24.26 23.76
CA THR A 920 17.76 25.16 23.58
C THR A 920 17.10 24.90 22.23
N GLY A 921 15.79 24.76 22.25
CA GLY A 921 14.94 24.58 21.08
C GLY A 921 14.16 25.84 20.80
N TYR A 922 14.12 26.26 19.54
CA TYR A 922 13.41 27.50 19.14
C TYR A 922 12.46 27.17 17.99
N ALA A 923 11.17 27.25 18.28
CA ALA A 923 10.07 26.98 17.33
C ALA A 923 9.56 28.33 16.86
N PHE A 924 10.07 28.77 15.73
CA PHE A 924 9.64 30.01 15.03
C PHE A 924 8.39 29.70 14.18
N TYR A 925 7.18 29.77 14.78
CA TYR A 925 5.88 29.65 14.11
C TYR A 925 5.74 30.79 13.09
N GLN A 926 6.39 31.90 13.35
CA GLN A 926 6.48 33.05 12.43
C GLN A 926 7.93 33.52 12.46
N PRO A 927 8.41 34.15 11.37
CA PRO A 927 9.68 34.85 11.40
C PRO A 927 9.64 35.87 12.53
N ALA A 928 10.73 36.09 13.21
CA ALA A 928 10.75 37.10 14.29
C ALA A 928 12.20 37.43 14.65
N SER A 929 12.36 38.61 15.22
CA SER A 929 13.50 39.04 16.05
C SER A 929 13.18 38.64 17.48
N ILE A 930 14.15 38.12 18.18
CA ILE A 930 13.93 37.69 19.58
C ILE A 930 15.03 38.27 20.43
N GLU A 931 14.83 38.22 21.74
CA GLU A 931 15.86 38.51 22.77
C GLU A 931 16.29 37.17 23.35
N ASP A 932 17.54 36.82 23.16
CA ASP A 932 18.10 35.50 23.53
C ASP A 932 19.61 35.60 23.59
N LYS A 933 20.26 34.73 24.35
CA LYS A 933 21.73 34.74 24.41
C LYS A 933 22.34 34.41 23.02
N TRP A 934 21.77 33.42 22.29
CA TRP A 934 22.37 32.86 21.03
C TRP A 934 21.68 33.40 19.78
N ILE A 935 20.37 33.32 19.71
CA ILE A 935 19.62 33.60 18.46
C ILE A 935 19.08 35.04 18.53
N LYS A 936 19.24 35.78 17.44
CA LYS A 936 18.70 37.15 17.37
C LYS A 936 17.51 37.23 16.40
N LYS A 937 17.58 36.57 15.27
CA LYS A 937 16.52 36.73 14.26
C LYS A 937 16.50 35.54 13.31
N VAL A 938 15.31 35.19 12.84
CA VAL A 938 15.09 34.13 11.82
C VAL A 938 14.05 34.67 10.82
N ASN A 939 14.33 34.59 9.51
CA ASN A 939 13.50 35.28 8.50
C ASN A 939 12.41 34.36 7.90
N LYS A 940 12.22 33.13 8.36
CA LYS A 940 11.19 32.17 7.84
C LYS A 940 10.65 31.42 9.05
N PRO A 941 9.42 30.85 9.00
CA PRO A 941 9.05 29.83 9.96
C PRO A 941 10.12 28.74 9.90
N ALA A 942 10.62 28.33 11.08
CA ALA A 942 11.78 27.41 11.19
C ALA A 942 11.82 26.77 12.56
N ILE A 943 12.60 25.72 12.65
CA ILE A 943 13.03 25.12 13.95
C ILE A 943 14.53 25.26 14.04
N VAL A 944 14.97 25.99 15.07
CA VAL A 944 16.40 26.20 15.38
C VAL A 944 16.73 25.51 16.69
N MET A 945 17.94 24.97 16.78
CA MET A 945 18.39 24.36 18.04
C MET A 945 19.83 24.77 18.29
N THR A 946 20.18 24.92 19.58
CA THR A 946 21.56 25.32 20.00
C THR A 946 22.03 24.44 21.15
N HIS A 947 23.32 24.20 21.14
CA HIS A 947 24.06 23.54 22.24
C HIS A 947 25.44 24.20 22.37
N ARG A 948 25.65 24.88 23.50
CA ARG A 948 26.95 25.50 23.85
C ARG A 948 27.71 24.46 24.66
N GLN A 949 28.78 23.93 24.10
CA GLN A 949 29.68 22.91 24.71
C GLN A 949 31.10 23.47 24.81
N LYS A 950 31.69 23.54 26.00
CA LYS A 950 33.12 23.94 26.14
C LYS A 950 33.42 25.10 25.20
N ASP A 951 34.11 24.87 24.10
CA ASP A 951 34.71 25.94 23.27
C ASP A 951 33.85 26.19 22.02
N THR A 952 32.66 25.59 21.93
CA THR A 952 31.85 25.60 20.67
C THR A 952 30.38 25.86 20.95
N LEU A 953 29.72 26.44 19.95
CA LEU A 953 28.25 26.54 19.83
C LEU A 953 27.82 25.76 18.57
N ILE A 954 27.03 24.72 18.76
CA ILE A 954 26.41 23.97 17.62
C ILE A 954 25.01 24.53 17.38
N VAL A 955 24.73 24.87 16.13
CA VAL A 955 23.39 25.41 15.73
C VAL A 955 22.86 24.54 14.63
N SER A 956 21.65 24.04 14.80
CA SER A 956 20.92 23.40 13.70
C SER A 956 19.71 24.23 13.33
N ALA A 957 19.30 24.11 12.09
CA ALA A 957 18.11 24.80 11.58
C ALA A 957 17.54 23.96 10.43
N VAL A 958 16.25 24.13 10.26
CA VAL A 958 15.43 23.50 9.19
C VAL A 958 14.11 24.24 9.11
N THR A 959 13.39 24.09 8.01
CA THR A 959 11.93 24.21 8.06
C THR A 959 11.38 22.85 7.80
N PRO A 960 10.40 22.44 8.63
CA PRO A 960 9.73 21.16 8.38
C PRO A 960 8.80 21.27 7.18
N ASP A 961 8.51 22.50 6.73
CA ASP A 961 7.80 22.73 5.45
C ASP A 961 8.62 22.10 4.33
N LEU A 962 8.04 21.13 3.61
CA LEU A 962 8.70 20.42 2.46
C LEU A 962 8.76 21.33 1.20
N ASN A 963 8.06 22.45 1.21
CA ASN A 963 8.14 23.49 0.15
C ASN A 963 7.79 22.84 -1.19
N MET A 964 6.61 22.23 -1.28
CA MET A 964 6.09 21.56 -2.47
C MET A 964 4.55 21.57 -2.49
N THR A 965 3.95 20.89 -3.48
CA THR A 965 2.51 20.57 -3.53
C THR A 965 2.34 19.08 -3.84
N ARG A 966 1.10 18.62 -4.04
CA ARG A 966 0.84 17.26 -4.57
C ARG A 966 1.45 17.06 -5.96
N GLN A 967 1.72 18.14 -6.71
CA GLN A 967 2.18 18.12 -8.13
C GLN A 967 3.68 18.48 -8.20
N LYS A 968 4.14 19.50 -7.47
CA LYS A 968 5.49 20.07 -7.71
C LYS A 968 6.55 19.33 -6.86
N ALA A 969 7.77 19.25 -7.38
CA ALA A 969 8.97 18.83 -6.66
C ALA A 969 9.24 19.83 -5.54
N ALA A 970 9.65 19.31 -4.39
CA ALA A 970 10.21 20.08 -3.28
C ALA A 970 11.44 20.83 -3.81
N THR A 971 11.54 22.09 -3.42
CA THR A 971 12.74 22.90 -3.63
C THR A 971 13.24 23.41 -2.29
N PRO A 972 14.55 23.67 -2.22
CA PRO A 972 15.17 24.09 -0.96
C PRO A 972 14.70 25.48 -0.55
N VAL A 973 14.52 25.67 0.77
CA VAL A 973 14.24 26.98 1.41
C VAL A 973 15.55 27.51 2.02
N THR A 974 15.87 28.78 1.73
CA THR A 974 17.03 29.50 2.30
C THR A 974 16.57 30.16 3.59
N ILE A 975 17.15 29.78 4.70
CA ILE A 975 16.79 30.35 6.02
C ILE A 975 17.99 31.16 6.57
N ASN A 976 17.75 32.44 6.89
CA ASN A 976 18.82 33.32 7.45
C ASN A 976 18.60 33.36 8.95
N VAL A 977 19.53 32.79 9.69
CA VAL A 977 19.52 32.81 11.16
C VAL A 977 20.65 33.73 11.58
N THR A 978 20.32 34.86 12.20
CA THR A 978 21.29 35.78 12.80
C THR A 978 21.53 35.29 14.24
N ILE A 979 22.79 35.21 14.63
CA ILE A 979 23.12 34.80 16.01
C ILE A 979 23.94 35.95 16.63
N ASN A 980 23.83 36.09 17.94
CA ASN A 980 24.51 37.19 18.65
C ASN A 980 25.98 36.82 18.78
N GLY A 981 26.85 37.79 18.65
CA GLY A 981 28.30 37.55 18.76
C GLY A 981 28.93 37.19 17.42
N LYS A 982 30.27 37.14 17.47
CA LYS A 982 31.14 36.94 16.28
C LYS A 982 31.69 35.52 16.40
N TRP A 983 31.46 34.76 15.37
CA TRP A 983 31.71 33.31 15.32
C TRP A 983 32.46 32.94 14.03
N GLN A 984 33.25 31.87 14.07
CA GLN A 984 33.87 31.26 12.88
C GLN A 984 33.63 29.75 13.00
N SER A 985 33.90 28.94 11.98
CA SER A 985 33.49 27.50 12.05
C SER A 985 34.58 26.66 12.74
N SER A 990 29.99 20.55 7.41
CA SER A 990 28.80 21.46 7.32
C SER A 990 28.82 22.24 5.99
N GLU A 991 27.65 22.37 5.37
CA GLU A 991 27.36 23.16 4.17
C GLU A 991 26.67 24.48 4.54
N VAL A 992 26.43 24.73 5.81
CA VAL A 992 25.90 26.02 6.32
C VAL A 992 26.95 27.12 6.05
N LYS A 993 26.54 28.23 5.44
CA LYS A 993 27.44 29.38 5.26
C LYS A 993 27.28 30.36 6.42
N TYR A 994 28.36 31.05 6.76
CA TYR A 994 28.31 32.07 7.82
C TYR A 994 29.11 33.29 7.39
N GLN A 995 28.69 34.45 7.89
CA GLN A 995 29.37 35.72 7.61
C GLN A 995 29.19 36.56 8.86
N VAL A 996 30.31 37.01 9.43
CA VAL A 996 30.29 37.99 10.54
C VAL A 996 29.84 39.30 9.92
N SER A 997 28.97 40.01 10.64
CA SER A 997 28.22 41.19 10.19
C SER A 997 28.06 42.08 11.43
N GLY A 998 28.95 43.06 11.58
CA GLY A 998 28.95 43.85 12.83
C GLY A 998 29.27 42.99 14.04
N ASP A 999 28.50 43.10 15.11
CA ASP A 999 28.76 42.35 16.37
C ASP A 999 28.04 41.00 16.28
N ASN A 1000 27.44 40.65 15.15
CA ASN A 1000 26.62 39.42 15.02
C ASN A 1000 27.07 38.58 13.81
N THR A 1001 26.56 37.35 13.70
CA THR A 1001 26.97 36.39 12.64
C THR A 1001 25.69 35.95 11.90
N GLU A 1002 25.69 36.08 10.57
CA GLU A 1002 24.59 35.62 9.69
C GLU A 1002 24.89 34.19 9.26
N LEU A 1003 24.07 33.21 9.67
CA LEU A 1003 24.15 31.82 9.18
C LEU A 1003 23.13 31.64 8.06
N THR A 1004 23.52 31.01 6.97
CA THR A 1004 22.61 30.73 5.83
C THR A 1004 22.43 29.22 5.75
N PHE A 1005 21.23 28.74 6.10
CA PHE A 1005 20.86 27.31 6.05
C PHE A 1005 20.10 27.06 4.76
N THR A 1006 20.31 25.86 4.22
CA THR A 1006 19.51 25.31 3.09
C THR A 1006 18.70 24.12 3.58
N SER A 1007 17.40 24.33 3.68
CA SER A 1007 16.45 23.31 4.15
C SER A 1007 15.79 22.66 2.92
N TYR A 1008 16.17 21.42 2.64
CA TYR A 1008 15.66 20.64 1.49
C TYR A 1008 14.87 19.48 2.09
N PHE A 1009 13.60 19.36 1.74
CA PHE A 1009 12.73 18.25 2.23
C PHE A 1009 12.81 18.14 3.74
N GLY A 1010 12.83 19.29 4.43
CA GLY A 1010 12.83 19.35 5.88
C GLY A 1010 13.99 18.60 6.53
N ILE A 1011 15.15 18.51 5.84
CA ILE A 1011 16.35 17.80 6.38
C ILE A 1011 17.16 18.83 7.13
N PRO A 1012 17.31 18.72 8.47
CA PRO A 1012 18.09 19.70 9.21
C PRO A 1012 19.52 19.76 8.75
N GLN A 1013 20.13 20.91 8.97
CA GLN A 1013 21.58 21.12 8.77
C GLN A 1013 22.10 21.69 10.08
N GLU A 1014 23.36 21.44 10.41
CA GLU A 1014 23.98 22.06 11.59
C GLU A 1014 25.41 22.46 11.26
N ILE A 1015 25.89 23.36 12.08
CA ILE A 1015 27.28 23.90 12.02
C ILE A 1015 27.81 24.05 13.46
N LYS A 1016 29.07 23.70 13.63
CA LYS A 1016 29.85 23.90 14.88
C LYS A 1016 30.66 25.20 14.76
N LEU A 1017 30.41 26.12 15.68
CA LEU A 1017 30.98 27.49 15.62
C LEU A 1017 31.91 27.60 16.80
N SER A 1018 32.93 28.42 16.69
CA SER A 1018 33.72 28.80 17.88
C SER A 1018 33.90 30.32 17.89
N PRO A 1019 34.01 30.90 19.10
CA PRO A 1019 33.92 32.34 19.26
C PRO A 1019 35.11 32.98 18.54
N LEU A 1020 34.88 34.12 17.91
CA LEU A 1020 36.02 35.03 17.58
C LEU A 1020 36.29 35.91 18.79
N PRO A 1021 37.58 36.15 19.12
CA PRO A 1021 37.90 37.20 20.08
C PRO A 1021 37.26 38.52 19.59
C1 8EX B . -6.81 5.72 -3.65
C2 8EX B . -7.66 4.43 -3.82
C3 8EX B . -6.57 3.45 -3.60
C4 8EX B . -5.57 3.58 -4.76
C5 8EX B . -5.08 5.05 -4.89
C6 8EX B . -4.30 5.27 -6.20
C7 8EX B . -9.89 3.94 -2.74
C8 8EX B . -10.34 3.18 -3.94
N2 8EX B . -8.64 4.43 -2.72
O1 8EX B . -7.63 6.66 -3.47
O3 8EX B . -7.05 2.21 -3.36
O4 8EX B . -6.13 3.11 -6.02
O5 8EX B . -6.21 5.94 -4.86
O6 8EX B . -2.89 5.23 -5.94
O7 8EX B . -10.63 4.00 -1.74
O1S 8EX B . -0.72 5.92 -4.49
O2S 8EX B . -2.74 7.82 -4.91
O3S 8EX B . -1.75 6.92 -6.57
S1 8EX B . -2.16 6.36 -5.11
S2 8EX B . -5.50 1.81 -6.63
O5S 8EX B . -5.32 2.05 -8.10
O6S 8EX B . -4.20 1.40 -5.98
O4S 8EX B . -6.46 0.60 -6.29
C1 GCD B . -6.90 1.50 -2.15
C2 GCD B . -7.65 0.19 -2.00
C3 GCD B . -7.18 -0.89 -3.02
C4 GCD B . -5.67 -0.86 -3.21
C5 GCD B . -4.90 0.21 -2.80
C6 GCD B . -3.46 0.31 -3.08
O2 GCD B . -7.35 -0.19 -0.67
O3 GCD B . -7.80 -0.54 -4.26
O5 GCD B . -5.45 1.36 -2.12
O6A GCD B . -2.92 -0.72 -3.50
O6B GCD B . -2.83 1.40 -2.94
C1 8EX C . -0.77 -3.98 1.36
C2 8EX C . -1.86 -3.47 2.33
C3 8EX C . -1.77 -4.74 3.32
C4 8EX C . -2.11 -6.00 2.50
C5 8EX C . -1.21 -6.06 1.25
C6 8EX C . -1.57 -7.17 0.33
C7 8EX C . -2.34 -1.38 3.42
C8 8EX C . -1.73 -0.11 3.92
N2 8EX C . -1.45 -2.23 2.94
O1 8EX C . 0.46 -3.32 1.26
O3 8EX C . -2.60 -4.69 4.48
O4 8EX C . -3.50 -5.89 2.03
O5 8EX C . -1.33 -4.79 0.36
O6 8EX C . -0.28 -7.43 -0.18
O7 8EX C . -3.53 -1.59 3.45
O1S 8EX C . -0.86 -9.82 -0.59
O2S 8EX C . -0.79 -8.06 -2.38
O3S 8EX C . 1.42 -8.91 -0.86
S1 8EX C . -0.10 -8.62 -1.09
S2 8EX C . -4.42 -7.12 2.36
O5S 8EX C . -4.12 -8.36 1.53
O6S 8EX C . -4.08 -7.53 3.81
O4S 8EX C . -5.83 -6.59 2.15
C1 GCD C . -1.88 -4.37 5.69
C2 GCD C . -3.07 -4.16 6.64
C3 GCD C . -4.08 -5.31 6.71
C4 GCD C . -3.39 -6.64 6.59
C5 GCD C . -2.16 -6.74 6.18
C6 GCD C . -1.73 -8.06 5.93
O2 GCD C . -2.57 -3.93 7.93
O3 GCD C . -5.04 -5.23 5.61
O5 GCD C . -1.25 -5.65 5.88
O6A GCD C . -1.61 -8.30 4.71
O6B GCD C . -1.57 -8.81 6.93
MG MG D . -23.39 -25.00 -21.66
#